data_5DOO
#
_entry.id   5DOO
#
_cell.length_a   83.719
_cell.length_b   90.528
_cell.length_c   106.201
_cell.angle_alpha   90.000
_cell.angle_beta   114.170
_cell.angle_gamma   90.000
#
_symmetry.space_group_name_H-M   'P 1 21 1'
#
loop_
_entity.id
_entity.type
_entity.pdbx_description
1 polymer 'protein lysine methyltransferase 2'
2 non-polymer 'CALCIUM ION'
#
_entity_poly.entity_id   1
_entity_poly.type   'polypeptide(L)'
_entity_poly.pdbx_seq_one_letter_code
;GMIKKANKISYDEVPYPPFTFSYTYPPYLRTIGKLFGLNPPLLETAKVLDIGCGIGVNLLNFAETYPKSQSLGVDLSKTQ
IELGKKTISDAKINNVELKALSILDLDESYGKFDYIVCHGVYSWVSQEVQDKILEVLNKLLNPNGIAFVSYNTLPGWNMQ
NTIREMMMFHSESFNTSHDKLQQARLLLKFINDSLGNSTTPYANFLRDEAKLISTYDDSYVLHEYLGEINTGTYFHQFIE
KAQKNHLNYLGDTSIAAMFIGNLPTKAASKLQAINDIVCTEQYMDFITNRKFRSTLLCHQNIPINRKIEFDNLKDFYTTF
NIRPISPENKIDLNNEQENISFYYENLPEPFISTTSAIMKAILYVYAENISNPIRLEQVAKEAFKKLGKYRLQDFLATLE
QHFITLIFQGYLKIFETKPHAIATITEKPKTSQFARYQAKHAHFNNVTNMFSITNRLNDMIGIPIHEKYILEMLDGTHNI
DDIKKSIIEKINSKLLTACDNKGQVVTDPKLLKEFVDYVVAVSLEKFRINYLLVG
;
_entity_poly.pdbx_strand_id   A,B
#
# COMPACT_ATOMS: atom_id res chain seq x y z
N PRO A 15 14.81 -30.40 -3.30
CA PRO A 15 14.10 -30.77 -2.08
C PRO A 15 13.69 -29.56 -1.22
N TYR A 16 14.59 -29.06 -0.40
CA TYR A 16 14.41 -27.88 0.42
C TYR A 16 15.62 -26.98 0.27
N PRO A 17 15.46 -25.67 0.47
CA PRO A 17 16.64 -24.79 0.51
C PRO A 17 17.49 -25.03 1.73
N PRO A 18 18.80 -25.24 1.55
CA PRO A 18 19.70 -25.35 2.70
C PRO A 18 20.42 -24.05 3.06
N PHE A 19 19.76 -23.12 3.75
CA PHE A 19 20.33 -21.80 3.98
C PHE A 19 20.93 -21.70 5.38
N THR A 20 22.02 -20.94 5.48
CA THR A 20 22.62 -20.53 6.76
C THR A 20 22.69 -19.02 6.81
N PHE A 21 22.29 -18.44 7.93
CA PHE A 21 22.09 -16.99 8.04
C PHE A 21 23.15 -16.37 8.94
N SER A 22 23.74 -15.28 8.45
CA SER A 22 24.85 -14.62 9.15
C SER A 22 24.41 -14.00 10.47
N TYR A 23 23.13 -13.65 10.62
CA TYR A 23 22.68 -12.95 11.82
C TYR A 23 22.12 -13.87 12.90
N THR A 24 22.01 -15.17 12.63
CA THR A 24 21.66 -16.14 13.67
C THR A 24 22.89 -16.81 14.28
N TYR A 25 24.08 -16.42 13.84
CA TYR A 25 25.32 -16.89 14.44
C TYR A 25 25.33 -16.55 15.92
N PRO A 26 25.69 -17.49 16.78
CA PRO A 26 25.80 -17.19 18.22
C PRO A 26 26.80 -16.07 18.51
N PRO A 27 27.99 -16.07 17.90
CA PRO A 27 28.93 -14.97 18.18
C PRO A 27 28.40 -13.60 17.78
N TYR A 28 27.50 -13.55 16.79
CA TYR A 28 26.84 -12.29 16.45
C TYR A 28 25.86 -11.85 17.52
N LEU A 29 25.06 -12.79 18.05
CA LEU A 29 24.17 -12.44 19.17
C LEU A 29 24.99 -11.97 20.37
N ARG A 30 26.13 -12.61 20.61
CA ARG A 30 27.03 -12.12 21.66
C ARG A 30 27.54 -10.73 21.34
N THR A 31 27.85 -10.48 20.07
CA THR A 31 28.31 -9.16 19.65
C THR A 31 27.28 -8.09 19.95
N ILE A 32 26.00 -8.36 19.67
CA ILE A 32 24.96 -7.38 19.94
C ILE A 32 24.68 -7.27 21.44
N GLY A 33 24.86 -8.36 22.18
CA GLY A 33 24.66 -8.29 23.63
C GLY A 33 25.71 -7.43 24.30
N LYS A 34 26.99 -7.71 24.03
CA LYS A 34 28.06 -6.93 24.64
C LYS A 34 28.03 -5.47 24.19
N LEU A 35 27.44 -5.21 23.02
CA LEU A 35 27.23 -3.84 22.56
C LEU A 35 26.33 -3.04 23.50
N PHE A 36 25.32 -3.69 24.09
CA PHE A 36 24.34 -3.05 24.94
C PHE A 36 24.67 -3.11 26.43
N GLY A 37 25.86 -3.58 26.78
CA GLY A 37 26.23 -3.64 28.17
C GLY A 37 25.88 -4.94 28.85
N LEU A 38 25.30 -5.88 28.11
CA LEU A 38 25.05 -7.21 28.62
C LEU A 38 26.37 -7.96 28.78
N ASN A 39 26.28 -9.17 29.31
CA ASN A 39 27.44 -10.03 29.48
C ASN A 39 26.99 -11.41 29.03
N PRO A 40 26.95 -11.64 27.73
CA PRO A 40 26.41 -12.90 27.22
C PRO A 40 27.28 -14.06 27.66
N PRO A 41 26.85 -15.30 27.43
CA PRO A 41 27.64 -16.44 27.91
C PRO A 41 28.94 -16.64 27.15
N LEU A 42 29.71 -17.65 27.54
CA LEU A 42 30.92 -18.02 26.81
C LEU A 42 30.56 -18.76 25.54
N LEU A 43 31.32 -18.49 24.47
CA LEU A 43 31.09 -19.13 23.17
C LEU A 43 31.70 -20.53 23.10
N GLU A 44 32.88 -20.72 23.70
CA GLU A 44 33.64 -21.95 23.49
C GLU A 44 32.84 -23.19 23.90
N THR A 45 32.22 -23.15 25.08
CA THR A 45 31.41 -24.25 25.59
C THR A 45 29.93 -24.08 25.31
N ALA A 46 29.54 -23.07 24.54
CA ALA A 46 28.16 -22.60 24.51
C ALA A 46 27.18 -23.71 24.12
N LYS A 47 25.99 -23.61 24.68
CA LYS A 47 24.88 -24.49 24.35
C LYS A 47 23.84 -23.67 23.58
N VAL A 48 23.47 -24.14 22.39
CA VAL A 48 22.54 -23.43 21.53
C VAL A 48 21.39 -24.36 21.16
N LEU A 49 20.21 -23.78 20.99
CA LEU A 49 19.02 -24.48 20.56
C LEU A 49 18.51 -23.82 19.29
N ASP A 50 18.13 -24.65 18.32
CA ASP A 50 17.54 -24.18 17.07
C ASP A 50 16.16 -24.78 16.93
N ILE A 51 15.15 -23.94 16.81
CA ILE A 51 13.77 -24.36 16.67
C ILE A 51 13.33 -24.12 15.23
N GLY A 52 12.75 -25.14 14.61
CA GLY A 52 12.51 -25.08 13.18
C GLY A 52 13.77 -25.27 12.37
N CYS A 53 14.71 -26.07 12.88
CA CYS A 53 16.06 -26.15 12.31
C CYS A 53 16.05 -26.59 10.86
N GLY A 54 15.04 -27.35 10.45
CA GLY A 54 15.06 -27.92 9.11
C GLY A 54 16.21 -28.90 8.97
N ILE A 55 17.00 -28.70 7.90
CA ILE A 55 18.16 -29.55 7.68
C ILE A 55 19.18 -29.36 8.79
N GLY A 56 19.24 -28.17 9.38
CA GLY A 56 20.14 -27.91 10.48
C GLY A 56 21.50 -27.40 10.09
N VAL A 57 21.65 -26.84 8.88
CA VAL A 57 22.93 -26.28 8.46
C VAL A 57 23.27 -24.97 9.17
N ASN A 58 22.31 -24.38 9.89
CA ASN A 58 22.62 -23.18 10.67
C ASN A 58 23.47 -23.51 11.89
N LEU A 59 23.25 -24.69 12.49
CA LEU A 59 24.03 -25.11 13.64
C LEU A 59 25.42 -25.60 13.25
N LEU A 60 25.58 -26.09 12.02
CA LEU A 60 26.79 -26.81 11.64
C LEU A 60 28.01 -25.91 11.66
N ASN A 61 27.95 -24.76 11.01
CA ASN A 61 29.13 -23.92 10.86
C ASN A 61 29.68 -23.51 12.22
N PHE A 62 28.80 -23.14 13.15
CA PHE A 62 29.23 -22.84 14.50
C PHE A 62 29.70 -24.10 15.23
N ALA A 63 29.10 -25.26 14.92
CA ALA A 63 29.46 -26.50 15.60
C ALA A 63 30.87 -26.96 15.23
N GLU A 64 31.29 -26.77 13.98
CA GLU A 64 32.63 -27.16 13.57
C GLU A 64 33.68 -26.15 14.03
N THR A 65 33.29 -24.89 14.21
CA THR A 65 34.24 -23.84 14.57
C THR A 65 34.60 -23.90 16.06
N TYR A 66 33.65 -24.28 16.90
CA TYR A 66 33.84 -24.37 18.35
C TYR A 66 33.55 -25.80 18.78
N PRO A 67 34.56 -26.67 18.84
CA PRO A 67 34.30 -28.10 19.05
C PRO A 67 33.76 -28.43 20.43
N LYS A 68 33.99 -27.60 21.43
CA LYS A 68 33.52 -27.88 22.79
C LYS A 68 32.05 -27.53 22.99
N SER A 69 31.39 -27.01 21.97
CA SER A 69 30.02 -26.52 22.08
C SER A 69 29.04 -27.57 21.57
N GLN A 70 27.99 -27.80 22.35
CA GLN A 70 26.94 -28.75 22.00
C GLN A 70 25.72 -27.98 21.48
N SER A 71 25.12 -28.49 20.42
CA SER A 71 23.96 -27.88 19.79
C SER A 71 22.88 -28.91 19.60
N LEU A 72 21.62 -28.48 19.71
CA LEU A 72 20.47 -29.37 19.53
C LEU A 72 19.45 -28.69 18.61
N GLY A 73 19.25 -29.25 17.43
CA GLY A 73 18.16 -28.81 16.58
C GLY A 73 16.91 -29.65 16.78
N VAL A 74 15.77 -28.99 16.59
CA VAL A 74 14.46 -29.65 16.73
C VAL A 74 13.57 -29.15 15.59
N ASP A 75 12.90 -30.08 14.92
CA ASP A 75 11.95 -29.69 13.88
C ASP A 75 10.87 -30.74 13.75
N LEU A 76 9.64 -30.28 13.47
CA LEU A 76 8.51 -31.20 13.35
C LEU A 76 8.72 -32.22 12.25
N SER A 77 9.27 -31.81 11.11
CA SER A 77 9.43 -32.69 9.96
C SER A 77 10.43 -33.79 10.27
N LYS A 78 10.01 -35.05 10.07
CA LYS A 78 10.93 -36.17 10.27
C LYS A 78 11.89 -36.32 9.10
N THR A 79 11.39 -36.12 7.88
CA THR A 79 12.23 -36.17 6.69
C THR A 79 13.37 -35.16 6.78
N GLN A 80 13.05 -33.90 7.10
CA GLN A 80 14.09 -32.87 7.22
C GLN A 80 15.11 -33.25 8.28
N ILE A 81 14.67 -33.84 9.39
CA ILE A 81 15.60 -34.20 10.46
C ILE A 81 16.54 -35.31 9.97
N GLU A 82 16.00 -36.33 9.31
CA GLU A 82 16.82 -37.44 8.86
C GLU A 82 17.85 -36.98 7.83
N LEU A 83 17.40 -36.24 6.81
CA LEU A 83 18.33 -35.65 5.85
C LEU A 83 19.39 -34.81 6.56
N GLY A 84 18.98 -34.07 7.59
CA GLY A 84 19.95 -33.34 8.39
C GLY A 84 20.99 -34.24 9.00
N LYS A 85 20.56 -35.38 9.55
CA LYS A 85 21.50 -36.32 10.15
C LYS A 85 22.48 -36.85 9.11
N LYS A 86 22.01 -37.10 7.88
CA LYS A 86 22.94 -37.47 6.82
C LYS A 86 23.98 -36.38 6.58
N THR A 87 23.51 -35.14 6.40
CA THR A 87 24.45 -34.03 6.14
C THR A 87 25.47 -33.90 7.25
N ILE A 88 25.03 -34.06 8.50
CA ILE A 88 25.91 -34.09 9.67
C ILE A 88 26.96 -35.19 9.50
N SER A 89 26.52 -36.45 9.41
CA SER A 89 27.47 -37.56 9.44
C SER A 89 28.48 -37.45 8.29
N ASP A 90 28.03 -36.98 7.13
CA ASP A 90 28.94 -36.76 6.01
C ASP A 90 29.89 -35.59 6.27
N ALA A 91 29.46 -34.61 7.08
CA ALA A 91 30.30 -33.48 7.47
C ALA A 91 31.19 -33.80 8.68
N LYS A 92 31.07 -35.00 9.26
CA LYS A 92 31.87 -35.43 10.41
C LYS A 92 31.75 -34.49 11.62
N ILE A 93 30.53 -34.07 11.94
CA ILE A 93 30.29 -33.16 13.05
C ILE A 93 29.58 -33.91 14.16
N ASN A 94 30.23 -34.03 15.31
CA ASN A 94 29.65 -34.70 16.47
C ASN A 94 29.03 -33.75 17.48
N ASN A 95 29.07 -32.44 17.23
CA ASN A 95 28.65 -31.44 18.21
C ASN A 95 27.16 -31.15 18.21
N VAL A 96 26.42 -31.55 17.19
CA VAL A 96 25.02 -31.18 17.04
C VAL A 96 24.17 -32.45 16.98
N GLU A 97 23.06 -32.45 17.73
CA GLU A 97 22.10 -33.53 17.74
C GLU A 97 20.76 -33.00 17.28
N LEU A 98 20.09 -33.73 16.40
CA LEU A 98 18.82 -33.28 15.84
C LEU A 98 17.71 -34.23 16.26
N LYS A 99 16.51 -33.67 16.43
CA LYS A 99 15.36 -34.55 16.67
C LYS A 99 14.07 -33.84 16.27
N ALA A 100 13.02 -34.66 16.15
CA ALA A 100 11.71 -34.21 15.72
C ALA A 100 10.79 -34.09 16.95
N LEU A 101 10.34 -32.87 17.24
CA LEU A 101 9.38 -32.64 18.30
C LEU A 101 8.47 -31.48 17.96
N SER A 102 7.20 -31.61 18.30
CA SER A 102 6.34 -30.43 18.33
C SER A 102 6.90 -29.45 19.35
N ILE A 103 6.77 -28.15 19.06
CA ILE A 103 7.40 -27.12 19.89
C ILE A 103 6.88 -27.16 21.32
N LEU A 104 5.72 -27.78 21.54
CA LEU A 104 5.12 -27.90 22.87
C LEU A 104 5.93 -28.81 23.77
N ASP A 105 6.32 -29.97 23.25
CA ASP A 105 6.81 -31.03 24.10
C ASP A 105 8.16 -30.71 24.75
N LEU A 106 8.76 -29.55 24.47
CA LEU A 106 10.06 -29.23 25.06
C LEU A 106 9.89 -28.94 26.56
N ASP A 107 10.96 -28.47 27.18
CA ASP A 107 11.14 -28.42 28.62
C ASP A 107 11.11 -29.84 29.19
N GLU A 108 12.22 -30.55 28.96
CA GLU A 108 12.54 -31.90 29.44
C GLU A 108 14.02 -31.90 29.80
N SER A 109 14.64 -33.09 29.88
CA SER A 109 16.07 -33.19 30.06
C SER A 109 16.84 -32.40 29.01
N TYR A 110 16.16 -31.88 28.00
CA TYR A 110 16.80 -31.00 27.01
C TYR A 110 17.64 -29.92 27.68
N GLY A 111 17.17 -29.37 28.81
CA GLY A 111 17.97 -28.46 29.60
C GLY A 111 17.88 -27.02 29.16
N LYS A 112 18.84 -26.23 29.65
CA LYS A 112 18.92 -24.80 29.36
C LYS A 112 20.07 -24.53 28.42
N PHE A 113 19.84 -23.64 27.45
CA PHE A 113 20.83 -23.31 26.44
C PHE A 113 21.20 -21.83 26.53
N ASP A 114 22.48 -21.55 26.25
CA ASP A 114 22.97 -20.17 26.31
C ASP A 114 22.44 -19.33 25.15
N TYR A 115 22.18 -19.94 23.99
CA TYR A 115 21.68 -19.17 22.85
C TYR A 115 20.53 -19.93 22.23
N ILE A 116 19.39 -19.26 22.03
CA ILE A 116 18.25 -19.89 21.37
C ILE A 116 17.93 -19.12 20.10
N VAL A 117 17.60 -19.85 19.03
CA VAL A 117 17.31 -19.29 17.72
C VAL A 117 15.99 -19.86 17.22
N CYS A 118 14.99 -19.00 17.08
CA CYS A 118 13.71 -19.29 16.45
C CYS A 118 13.60 -18.38 15.23
N HIS A 119 13.75 -18.98 14.04
CA HIS A 119 13.86 -18.25 12.79
C HIS A 119 12.85 -18.83 11.81
N GLY A 120 11.85 -18.05 11.45
CA GLY A 120 10.92 -18.42 10.39
C GLY A 120 9.75 -19.28 10.79
N VAL A 121 9.67 -19.76 12.04
CA VAL A 121 8.51 -20.55 12.46
C VAL A 121 7.48 -19.76 13.26
N TYR A 122 7.76 -18.49 13.60
CA TYR A 122 6.86 -17.76 14.48
C TYR A 122 5.60 -17.32 13.75
N SER A 123 5.76 -16.63 12.62
CA SER A 123 4.62 -16.12 11.88
C SER A 123 3.81 -17.22 11.19
N TRP A 124 4.34 -18.44 11.12
CA TRP A 124 3.79 -19.51 10.29
C TRP A 124 2.90 -20.48 11.04
N VAL A 125 2.65 -20.26 12.33
CA VAL A 125 1.95 -21.24 13.17
C VAL A 125 0.90 -20.53 14.01
N SER A 126 0.05 -21.34 14.66
CA SER A 126 -1.12 -20.86 15.37
C SER A 126 -0.75 -19.92 16.51
N GLN A 127 -1.69 -19.03 16.85
CA GLN A 127 -1.51 -18.11 17.97
C GLN A 127 -1.11 -18.83 19.25
N GLU A 128 -1.71 -19.99 19.51
CA GLU A 128 -1.31 -20.81 20.66
C GLU A 128 0.18 -21.17 20.60
N VAL A 129 0.57 -21.92 19.56
CA VAL A 129 1.95 -22.35 19.37
C VAL A 129 2.84 -21.14 19.27
N GLN A 130 2.28 -20.02 18.81
CA GLN A 130 2.95 -18.73 18.79
C GLN A 130 3.43 -18.33 20.19
N ASP A 131 2.49 -18.12 21.13
CA ASP A 131 2.90 -17.68 22.46
C ASP A 131 3.72 -18.75 23.19
N LYS A 132 3.39 -20.03 22.93
CA LYS A 132 4.11 -21.12 23.59
C LYS A 132 5.59 -21.09 23.27
N ILE A 133 5.95 -20.61 22.08
CA ILE A 133 7.36 -20.40 21.75
C ILE A 133 8.01 -19.44 22.74
N LEU A 134 7.30 -18.37 23.12
CA LEU A 134 7.88 -17.43 24.08
C LEU A 134 7.93 -18.00 25.48
N GLU A 135 6.95 -18.82 25.86
CA GLU A 135 7.02 -19.51 27.14
C GLU A 135 8.23 -20.45 27.19
N VAL A 136 8.36 -21.32 26.19
CA VAL A 136 9.50 -22.23 26.10
C VAL A 136 10.80 -21.44 26.12
N LEU A 137 10.83 -20.34 25.36
CA LEU A 137 11.99 -19.46 25.32
C LEU A 137 12.33 -18.91 26.70
N ASN A 138 11.31 -18.61 27.52
CA ASN A 138 11.58 -18.18 28.89
C ASN A 138 12.18 -19.30 29.71
N LYS A 139 11.64 -20.52 29.59
CA LYS A 139 12.10 -21.61 30.45
C LYS A 139 13.52 -22.05 30.08
N LEU A 140 13.78 -22.30 28.80
CA LEU A 140 15.03 -22.94 28.38
C LEU A 140 16.22 -22.00 28.32
N LEU A 141 16.03 -20.70 28.54
CA LEU A 141 17.12 -19.76 28.38
C LEU A 141 17.88 -19.59 29.69
N ASN A 142 19.22 -19.53 29.58
CA ASN A 142 20.10 -19.38 30.73
C ASN A 142 19.93 -17.99 31.31
N PRO A 143 20.57 -17.64 32.44
CA PRO A 143 20.36 -16.29 33.01
C PRO A 143 20.77 -15.15 32.07
N ASN A 144 21.98 -15.20 31.52
CA ASN A 144 22.43 -14.18 30.58
C ASN A 144 22.23 -14.57 29.13
N GLY A 145 21.65 -15.74 28.87
CA GLY A 145 21.49 -16.19 27.51
C GLY A 145 20.61 -15.27 26.69
N ILE A 146 20.76 -15.37 25.37
CA ILE A 146 20.04 -14.52 24.42
C ILE A 146 19.23 -15.40 23.50
N ALA A 147 18.03 -14.94 23.18
CA ALA A 147 17.13 -15.60 22.25
C ALA A 147 16.96 -14.72 21.01
N PHE A 148 16.61 -15.37 19.91
CA PHE A 148 16.47 -14.73 18.61
C PHE A 148 15.14 -15.23 18.05
N VAL A 149 14.28 -14.33 17.59
CA VAL A 149 13.02 -14.73 16.96
C VAL A 149 12.76 -13.81 15.77
N SER A 150 12.45 -14.40 14.62
CA SER A 150 12.14 -13.62 13.43
C SER A 150 10.66 -13.77 13.08
N TYR A 151 10.08 -12.69 12.56
CA TYR A 151 8.67 -12.70 12.21
C TYR A 151 8.38 -11.60 11.20
N ASN A 152 7.26 -11.77 10.49
CA ASN A 152 6.78 -10.77 9.55
C ASN A 152 6.02 -9.68 10.29
N THR A 153 6.34 -8.43 10.00
CA THR A 153 5.80 -7.29 10.73
C THR A 153 4.84 -6.50 9.87
N LEU A 154 3.68 -6.16 10.43
CA LEU A 154 2.84 -5.12 9.89
C LEU A 154 3.53 -3.79 10.15
N PRO A 155 3.23 -2.76 9.36
CA PRO A 155 2.38 -2.70 8.17
C PRO A 155 2.98 -3.33 6.92
N GLY A 156 4.32 -3.39 6.84
CA GLY A 156 4.99 -3.71 5.58
C GLY A 156 4.57 -5.04 4.99
N TRP A 157 4.09 -5.96 5.84
CA TRP A 157 3.54 -7.24 5.39
C TRP A 157 2.24 -7.09 4.60
N ASN A 158 1.63 -5.91 4.60
CA ASN A 158 0.30 -5.78 4.01
C ASN A 158 0.31 -5.76 2.49
N MET A 159 1.33 -5.17 1.86
CA MET A 159 1.37 -5.18 0.40
C MET A 159 1.70 -6.57 -0.13
N GLN A 160 2.69 -7.24 0.47
CA GLN A 160 3.03 -8.59 0.08
C GLN A 160 1.80 -9.49 0.04
N ASN A 161 1.06 -9.53 1.15
CA ASN A 161 -0.10 -10.40 1.25
C ASN A 161 -1.17 -10.08 0.20
N THR A 162 -1.12 -8.88 -0.39
CA THR A 162 -1.94 -8.57 -1.54
C THR A 162 -1.37 -9.21 -2.80
N ILE A 163 -0.12 -8.87 -3.13
CA ILE A 163 0.57 -9.49 -4.25
C ILE A 163 0.59 -11.01 -4.11
N ARG A 164 0.88 -11.50 -2.90
CA ARG A 164 0.86 -12.93 -2.68
C ARG A 164 -0.54 -13.50 -2.85
N GLU A 165 -1.57 -12.70 -2.56
CA GLU A 165 -2.92 -13.08 -2.94
C GLU A 165 -3.17 -12.84 -4.42
N MET A 166 -2.61 -11.75 -4.97
CA MET A 166 -2.87 -11.35 -6.35
C MET A 166 -2.57 -12.48 -7.33
N MET A 167 -1.42 -13.16 -7.13
CA MET A 167 -1.09 -14.32 -7.94
C MET A 167 -1.83 -15.57 -7.46
N MET A 168 -2.04 -15.70 -6.14
CA MET A 168 -2.81 -16.83 -5.63
C MET A 168 -4.23 -16.82 -6.15
N PHE A 169 -4.72 -15.65 -6.56
CA PHE A 169 -6.00 -15.54 -7.27
C PHE A 169 -5.87 -16.00 -8.72
N HIS A 170 -4.78 -15.58 -9.39
CA HIS A 170 -4.54 -16.00 -10.76
C HIS A 170 -4.33 -17.50 -10.84
N SER A 171 -3.34 -18.02 -10.13
CA SER A 171 -2.77 -19.34 -10.36
C SER A 171 -3.83 -20.44 -10.48
N GLU A 172 -4.91 -20.30 -9.73
CA GLU A 172 -6.07 -21.17 -9.91
C GLU A 172 -6.86 -20.64 -11.10
N SER A 173 -7.00 -21.45 -12.12
CA SER A 173 -7.53 -20.99 -13.39
C SER A 173 -7.77 -22.16 -14.33
N LYS A 180 3.31 -23.61 -10.93
CA LYS A 180 2.86 -22.45 -10.16
C LYS A 180 3.81 -21.28 -10.31
N LEU A 181 5.11 -21.58 -10.17
CA LEU A 181 6.15 -20.57 -10.28
C LEU A 181 6.31 -20.04 -11.69
N GLN A 182 5.72 -20.71 -12.68
CA GLN A 182 5.73 -20.23 -14.05
C GLN A 182 4.71 -19.10 -14.25
N GLN A 183 3.43 -19.43 -14.07
CA GLN A 183 2.35 -18.47 -14.31
C GLN A 183 2.48 -17.24 -13.44
N ALA A 184 3.06 -17.38 -12.25
CA ALA A 184 3.19 -16.24 -11.34
C ALA A 184 4.12 -15.19 -11.92
N ARG A 185 5.25 -15.62 -12.50
CA ARG A 185 6.15 -14.69 -13.17
C ARG A 185 5.44 -13.93 -14.28
N LEU A 186 4.61 -14.64 -15.05
CA LEU A 186 3.79 -13.97 -16.05
C LEU A 186 2.83 -12.98 -15.41
N LEU A 187 2.33 -13.28 -14.21
CA LEU A 187 1.52 -12.30 -13.48
C LEU A 187 2.35 -11.03 -13.24
N LEU A 188 3.55 -11.17 -12.67
CA LEU A 188 4.37 -10.01 -12.37
C LEU A 188 4.68 -9.19 -13.63
N LYS A 189 5.01 -9.86 -14.73
CA LYS A 189 5.19 -9.18 -16.00
C LYS A 189 3.95 -8.36 -16.36
N PHE A 190 2.80 -9.03 -16.45
CA PHE A 190 1.53 -8.36 -16.73
C PHE A 190 1.30 -7.18 -15.80
N ILE A 191 1.81 -7.25 -14.57
CA ILE A 191 1.61 -6.17 -13.60
C ILE A 191 2.44 -4.96 -14.00
N ASN A 192 3.77 -5.12 -14.03
CA ASN A 192 4.64 -4.01 -14.43
C ASN A 192 4.22 -3.42 -15.78
N ASP A 193 3.65 -4.24 -16.66
CA ASP A 193 3.13 -3.73 -17.92
C ASP A 193 1.89 -2.86 -17.71
N SER A 194 0.94 -3.34 -16.90
CA SER A 194 -0.32 -2.64 -16.72
C SER A 194 -0.11 -1.20 -16.27
N LEU A 195 0.99 -0.93 -15.57
CA LEU A 195 1.31 0.43 -15.14
C LEU A 195 2.18 1.03 -16.22
N GLY A 196 1.60 1.97 -16.98
CA GLY A 196 2.35 2.71 -17.96
C GLY A 196 2.87 4.00 -17.37
N ASN A 197 3.87 4.58 -18.03
CA ASN A 197 4.51 5.77 -17.49
C ASN A 197 3.53 6.92 -17.31
N SER A 198 2.31 6.80 -17.85
CA SER A 198 1.25 7.79 -17.63
C SER A 198 0.40 7.48 -16.40
N THR A 199 0.67 6.38 -15.68
CA THR A 199 -0.01 6.08 -14.43
C THR A 199 1.01 6.13 -13.30
N THR A 200 0.99 7.21 -12.49
CA THR A 200 1.92 7.22 -11.36
C THR A 200 1.49 7.95 -10.08
N PRO A 201 0.32 7.66 -9.47
CA PRO A 201 0.02 8.28 -8.16
C PRO A 201 0.69 7.63 -6.95
N TYR A 202 0.53 6.30 -6.92
CA TYR A 202 0.69 5.13 -6.06
C TYR A 202 1.37 4.00 -6.82
N ALA A 203 0.88 3.68 -8.04
CA ALA A 203 1.38 2.56 -8.83
C ALA A 203 2.90 2.56 -8.99
N ASN A 204 3.57 3.67 -8.66
CA ASN A 204 5.03 3.59 -8.54
C ASN A 204 5.42 2.62 -7.43
N PHE A 205 4.66 2.63 -6.32
CA PHE A 205 4.94 1.74 -5.20
C PHE A 205 4.65 0.28 -5.56
N LEU A 206 3.46 0.03 -6.11
CA LEU A 206 3.10 -1.27 -6.65
C LEU A 206 4.15 -1.77 -7.64
N ARG A 207 4.35 -1.00 -8.70
CA ARG A 207 5.36 -1.28 -9.71
C ARG A 207 6.71 -1.58 -9.06
N ASP A 208 7.01 -0.95 -7.92
CA ASP A 208 8.28 -1.17 -7.26
C ASP A 208 8.31 -2.53 -6.57
N GLU A 209 7.41 -2.79 -5.63
CA GLU A 209 7.43 -4.07 -4.93
C GLU A 209 7.30 -5.26 -5.89
N ALA A 210 6.38 -5.15 -6.86
CA ALA A 210 6.26 -6.19 -7.89
C ALA A 210 7.55 -6.33 -8.70
N LYS A 211 8.14 -5.21 -9.11
CA LYS A 211 9.46 -5.21 -9.73
C LYS A 211 10.52 -5.86 -8.84
N LEU A 212 10.29 -5.87 -7.54
CA LEU A 212 11.20 -6.50 -6.58
C LEU A 212 10.98 -8.01 -6.49
N ILE A 213 9.74 -8.48 -6.69
CA ILE A 213 9.53 -9.94 -6.71
C ILE A 213 10.18 -10.56 -7.95
N SER A 214 10.36 -9.77 -9.02
CA SER A 214 11.09 -10.26 -10.19
C SER A 214 12.54 -10.61 -9.84
N THR A 215 13.06 -10.01 -8.77
CA THR A 215 14.31 -10.38 -8.14
C THR A 215 14.07 -11.60 -7.23
N TYR A 216 14.97 -11.81 -6.26
CA TYR A 216 14.98 -12.98 -5.40
C TYR A 216 15.28 -14.24 -6.19
N ASP A 217 14.43 -15.26 -6.07
CA ASP A 217 14.75 -16.57 -6.61
C ASP A 217 13.55 -17.50 -6.43
N ASP A 218 13.59 -18.61 -7.15
CA ASP A 218 12.47 -19.53 -7.18
C ASP A 218 12.23 -20.19 -5.83
N SER A 219 13.31 -20.47 -5.08
CA SER A 219 13.18 -21.02 -3.73
C SER A 219 12.36 -20.09 -2.84
N TYR A 220 12.88 -18.89 -2.59
CA TYR A 220 12.21 -17.88 -1.76
C TYR A 220 10.78 -17.67 -2.23
N VAL A 221 10.58 -17.19 -3.46
CA VAL A 221 9.26 -16.83 -3.97
C VAL A 221 8.33 -18.04 -3.93
N LEU A 222 8.90 -19.25 -3.97
CA LEU A 222 8.12 -20.49 -3.84
C LEU A 222 7.59 -20.66 -2.42
N HIS A 223 8.47 -20.64 -1.41
CA HIS A 223 8.02 -20.95 -0.05
C HIS A 223 7.29 -19.78 0.60
N GLU A 224 7.71 -18.56 0.30
CA GLU A 224 7.12 -17.36 0.88
C GLU A 224 5.76 -17.06 0.28
N TYR A 225 5.73 -16.75 -1.01
CA TYR A 225 4.50 -16.25 -1.63
C TYR A 225 3.52 -17.35 -2.01
N LEU A 226 3.97 -18.36 -2.75
CA LEU A 226 3.05 -19.39 -3.22
C LEU A 226 2.81 -20.53 -2.24
N GLY A 227 3.76 -20.85 -1.37
CA GLY A 227 3.55 -21.93 -0.42
C GLY A 227 2.61 -21.57 0.72
N GLU A 228 2.93 -20.46 1.38
CA GLU A 228 2.15 -19.88 2.47
C GLU A 228 1.81 -20.91 3.58
N ILE A 229 0.73 -20.77 4.36
CA ILE A 229 0.18 -19.47 4.79
C ILE A 229 0.89 -18.95 6.04
N ASN A 230 1.41 -17.73 5.94
CA ASN A 230 1.97 -17.01 7.06
C ASN A 230 1.11 -15.79 7.34
N THR A 231 1.45 -15.08 8.42
CA THR A 231 0.71 -13.88 8.80
C THR A 231 1.69 -12.84 9.33
N GLY A 232 1.28 -11.58 9.24
CA GLY A 232 2.05 -10.52 9.85
C GLY A 232 1.53 -10.16 11.23
N THR A 233 2.37 -9.45 11.99
CA THR A 233 2.03 -8.98 13.34
C THR A 233 2.57 -7.57 13.50
N TYR A 234 2.45 -7.04 14.70
CA TYR A 234 3.00 -5.72 15.05
C TYR A 234 4.13 -5.90 16.04
N PHE A 235 5.03 -4.93 16.05
CA PHE A 235 6.17 -5.01 16.96
C PHE A 235 5.72 -5.00 18.42
N HIS A 236 4.79 -4.09 18.76
CA HIS A 236 4.36 -3.99 20.16
C HIS A 236 3.58 -5.22 20.59
N GLN A 237 2.95 -5.92 19.64
CA GLN A 237 2.23 -7.14 19.94
C GLN A 237 3.19 -8.30 20.19
N PHE A 238 4.39 -8.26 19.60
CA PHE A 238 5.43 -9.22 19.97
C PHE A 238 6.05 -8.85 21.31
N ILE A 239 6.65 -7.65 21.39
CA ILE A 239 7.35 -7.23 22.60
C ILE A 239 6.44 -7.30 23.81
N GLU A 240 5.15 -7.03 23.61
CA GLU A 240 4.20 -7.17 24.71
C GLU A 240 4.03 -8.63 25.09
N LYS A 241 3.88 -9.49 24.08
CA LYS A 241 3.67 -10.91 24.33
C LYS A 241 4.85 -11.55 25.04
N ALA A 242 6.07 -11.06 24.76
CA ALA A 242 7.27 -11.51 25.43
C ALA A 242 7.43 -10.89 26.82
N GLN A 243 7.03 -9.62 26.98
CA GLN A 243 6.99 -9.02 28.32
C GLN A 243 5.95 -9.71 29.19
N LYS A 244 4.86 -10.18 28.59
CA LYS A 244 3.93 -11.04 29.30
C LYS A 244 4.60 -12.35 29.73
N ASN A 245 5.57 -12.82 28.96
CA ASN A 245 6.24 -14.09 29.17
C ASN A 245 7.53 -13.99 29.98
N HIS A 246 7.83 -12.82 30.57
CA HIS A 246 9.03 -12.58 31.36
C HIS A 246 10.30 -12.55 30.50
N LEU A 247 10.21 -11.91 29.34
CA LEU A 247 11.37 -11.63 28.51
C LEU A 247 11.38 -10.17 28.12
N ASN A 248 12.57 -9.58 28.04
CA ASN A 248 12.75 -8.18 27.75
C ASN A 248 13.41 -8.00 26.38
N TYR A 249 13.16 -6.84 25.77
CA TYR A 249 13.58 -6.58 24.39
C TYR A 249 15.01 -6.10 24.38
N LEU A 250 15.90 -6.89 23.77
CA LEU A 250 17.29 -6.46 23.63
C LEU A 250 17.47 -5.54 22.44
N GLY A 251 16.88 -5.87 21.30
CA GLY A 251 17.09 -5.08 20.11
C GLY A 251 16.89 -5.93 18.86
N ASP A 252 17.50 -5.48 17.77
CA ASP A 252 17.43 -6.14 16.48
C ASP A 252 18.82 -6.53 16.04
N THR A 253 18.89 -7.53 15.17
CA THR A 253 20.15 -8.01 14.62
C THR A 253 20.59 -7.22 13.39
N SER A 254 19.80 -6.23 12.96
CA SER A 254 20.24 -5.23 11.99
C SER A 254 20.57 -3.99 12.80
N ILE A 255 21.88 -3.68 12.92
CA ILE A 255 22.28 -2.51 13.67
C ILE A 255 21.87 -1.25 12.93
N ALA A 256 21.84 -1.30 11.60
CA ALA A 256 21.33 -0.20 10.79
C ALA A 256 19.85 0.05 11.02
N ALA A 257 19.10 -0.95 11.50
CA ALA A 257 17.66 -0.77 11.66
C ALA A 257 17.30 0.02 12.91
N MET A 258 18.11 -0.09 13.97
CA MET A 258 17.82 0.60 15.23
C MET A 258 18.30 2.04 15.21
N PHE A 259 18.89 2.49 14.12
CA PHE A 259 19.46 3.83 14.01
C PHE A 259 18.43 4.73 13.33
N ILE A 260 17.94 5.72 14.06
CA ILE A 260 17.07 6.75 13.49
C ILE A 260 17.92 8.01 13.31
N GLY A 261 17.35 9.06 12.76
CA GLY A 261 18.09 10.28 12.52
C GLY A 261 18.42 10.57 11.08
N ASN A 262 18.00 9.70 10.15
CA ASN A 262 18.00 10.01 8.73
C ASN A 262 16.79 10.85 8.33
N LEU A 263 15.68 10.74 9.05
CA LEU A 263 14.54 11.63 8.88
C LEU A 263 14.94 13.05 9.29
N PRO A 264 14.05 14.05 9.19
CA PRO A 264 14.45 15.42 9.55
C PRO A 264 14.81 15.53 11.03
N THR A 265 15.27 16.74 11.39
CA THR A 265 15.77 17.02 12.72
C THR A 265 14.63 17.32 13.70
N LYS A 266 13.87 18.38 13.41
CA LYS A 266 12.73 18.78 14.23
C LYS A 266 11.84 17.60 14.63
N ALA A 267 11.64 16.63 13.72
CA ALA A 267 10.87 15.43 14.06
C ALA A 267 11.70 14.46 14.88
N ALA A 268 12.99 14.30 14.53
CA ALA A 268 13.88 13.41 15.26
C ALA A 268 13.88 13.72 16.75
N SER A 269 14.27 14.95 17.10
CA SER A 269 14.37 15.34 18.50
C SER A 269 13.08 15.04 19.25
N LYS A 270 11.93 15.26 18.59
CA LYS A 270 10.64 14.89 19.17
C LYS A 270 10.52 13.38 19.37
N LEU A 271 11.13 12.58 18.50
CA LEU A 271 11.06 11.12 18.69
C LEU A 271 11.97 10.66 19.82
N GLN A 272 13.14 11.27 19.96
CA GLN A 272 14.02 10.87 21.06
C GLN A 272 13.50 11.36 22.40
N ALA A 273 12.80 12.50 22.41
CA ALA A 273 12.42 13.14 23.67
C ALA A 273 11.57 12.24 24.54
N ILE A 274 10.83 11.30 23.96
CA ILE A 274 9.94 10.45 24.74
C ILE A 274 10.72 9.38 25.48
N ASN A 275 11.74 8.80 24.84
CA ASN A 275 12.53 7.71 25.42
C ASN A 275 11.66 6.51 25.77
N ASP A 276 10.76 6.15 24.86
CA ASP A 276 10.01 4.89 24.92
C ASP A 276 10.41 4.06 23.71
N ILE A 277 11.16 2.98 23.93
CA ILE A 277 11.80 2.27 22.83
C ILE A 277 10.77 1.66 21.90
N VAL A 278 9.79 0.95 22.47
CA VAL A 278 8.78 0.28 21.67
C VAL A 278 7.98 1.28 20.83
N CYS A 279 7.70 2.45 21.41
CA CYS A 279 6.95 3.48 20.69
C CYS A 279 7.76 4.03 19.52
N THR A 280 9.02 4.39 19.78
CA THR A 280 9.88 4.88 18.71
C THR A 280 10.02 3.85 17.60
N GLU A 281 10.41 2.61 17.96
CA GLU A 281 10.66 1.59 16.95
C GLU A 281 9.40 1.30 16.14
N GLN A 282 8.26 1.16 16.81
CA GLN A 282 7.08 0.82 16.03
C GLN A 282 6.58 1.98 15.21
N TYR A 283 6.88 3.22 15.62
CA TYR A 283 6.71 4.34 14.70
C TYR A 283 7.60 4.17 13.47
N MET A 284 8.84 3.71 13.70
CA MET A 284 9.73 3.43 12.57
C MET A 284 9.09 2.41 11.61
N ASP A 285 8.47 1.37 12.15
CA ASP A 285 7.78 0.40 11.30
C ASP A 285 6.73 1.08 10.46
N PHE A 286 6.06 2.07 11.05
CA PHE A 286 4.97 2.77 10.41
C PHE A 286 5.45 3.59 9.21
N ILE A 287 6.46 4.44 9.40
CA ILE A 287 6.86 5.31 8.29
C ILE A 287 7.89 4.68 7.36
N THR A 288 8.53 3.59 7.75
CA THR A 288 9.43 2.88 6.84
C THR A 288 8.84 1.64 6.19
N ASN A 289 7.61 1.23 6.55
CA ASN A 289 6.95 0.03 6.00
C ASN A 289 7.85 -1.20 6.11
N ARG A 290 8.03 -1.65 7.36
CA ARG A 290 8.92 -2.77 7.68
C ARG A 290 8.24 -4.12 7.43
N LYS A 291 8.85 -4.94 6.59
CA LYS A 291 8.34 -6.27 6.28
C LYS A 291 8.73 -7.32 7.32
N PHE A 292 9.97 -7.28 7.81
CA PHE A 292 10.48 -8.35 8.66
C PHE A 292 11.17 -7.78 9.89
N ARG A 293 11.23 -8.59 10.95
CA ARG A 293 12.03 -8.26 12.12
C ARG A 293 12.72 -9.52 12.65
N SER A 294 14.02 -9.38 12.91
CA SER A 294 14.83 -10.37 13.60
C SER A 294 15.19 -9.79 14.97
N THR A 295 14.57 -10.31 16.02
CA THR A 295 14.57 -9.67 17.32
C THR A 295 15.34 -10.49 18.34
N LEU A 296 16.17 -9.81 19.14
CA LEU A 296 16.89 -10.42 20.24
C LEU A 296 16.16 -10.17 21.55
N LEU A 297 15.97 -11.21 22.33
CA LEU A 297 15.34 -11.12 23.64
C LEU A 297 16.30 -11.60 24.71
N CYS A 298 16.23 -10.97 25.89
CA CYS A 298 16.99 -11.40 27.06
C CYS A 298 16.08 -11.48 28.27
N HIS A 299 16.65 -11.72 29.45
CA HIS A 299 15.86 -11.77 30.68
C HIS A 299 15.75 -10.36 31.27
N GLN A 300 14.54 -10.00 31.70
CA GLN A 300 14.26 -8.64 32.13
C GLN A 300 14.89 -8.37 33.49
N ASN A 301 15.51 -9.40 34.06
CA ASN A 301 16.33 -9.23 35.24
C ASN A 301 17.72 -8.67 34.90
N ILE A 302 18.00 -8.44 33.63
CA ILE A 302 19.27 -7.86 33.17
C ILE A 302 18.99 -6.42 32.72
N PRO A 303 19.68 -5.42 33.27
CA PRO A 303 19.57 -4.06 32.70
C PRO A 303 20.29 -4.00 31.36
N ILE A 304 19.67 -3.33 30.40
CA ILE A 304 20.28 -3.08 29.09
C ILE A 304 20.65 -1.61 29.02
N ASN A 305 21.86 -1.34 28.57
CA ASN A 305 22.37 0.02 28.47
C ASN A 305 22.34 0.42 27.00
N ARG A 306 21.42 1.31 26.66
CA ARG A 306 21.25 1.77 25.28
C ARG A 306 22.10 2.98 24.96
N LYS A 307 22.87 3.48 25.92
CA LYS A 307 23.80 4.59 25.69
C LYS A 307 25.14 3.99 25.31
N ILE A 308 25.56 4.21 24.06
CA ILE A 308 26.76 3.57 23.52
C ILE A 308 27.94 4.50 23.74
N GLU A 309 28.88 4.07 24.59
CA GLU A 309 30.09 4.84 24.86
C GLU A 309 31.22 4.35 23.96
N PHE A 310 31.94 5.29 23.35
CA PHE A 310 33.06 4.93 22.48
C PHE A 310 34.10 4.10 23.23
N ASP A 311 34.33 4.44 24.51
CA ASP A 311 35.28 3.69 25.31
C ASP A 311 34.91 2.22 25.41
N ASN A 312 33.61 1.91 25.31
CA ASN A 312 33.13 0.55 25.18
C ASN A 312 33.16 0.04 23.73
N LEU A 313 33.27 0.94 22.76
CA LEU A 313 33.30 0.56 21.35
C LEU A 313 34.70 0.37 20.81
N LYS A 314 35.73 0.66 21.60
CA LYS A 314 37.10 0.38 21.17
C LYS A 314 37.61 -0.98 21.63
N ASP A 315 36.77 -1.77 22.32
CA ASP A 315 37.07 -3.14 22.63
C ASP A 315 36.51 -4.12 21.60
N PHE A 316 35.90 -3.60 20.54
CA PHE A 316 35.28 -4.41 19.50
C PHE A 316 36.20 -4.54 18.30
N TYR A 317 36.22 -5.73 17.71
CA TYR A 317 36.93 -5.92 16.45
C TYR A 317 36.10 -5.32 15.32
N THR A 318 36.72 -4.44 14.54
CA THR A 318 36.02 -3.59 13.59
C THR A 318 36.52 -3.82 12.17
N THR A 319 35.61 -3.72 11.21
CA THR A 319 35.95 -3.91 9.80
C THR A 319 35.27 -2.84 8.96
N PHE A 320 36.09 -2.06 8.26
CA PHE A 320 35.66 -1.18 7.17
C PHE A 320 36.20 -1.79 5.88
N ASN A 321 35.31 -2.26 5.02
CA ASN A 321 35.71 -2.95 3.80
C ASN A 321 35.84 -1.93 2.68
N ILE A 322 37.08 -1.70 2.23
CA ILE A 322 37.40 -0.57 1.38
C ILE A 322 38.55 -0.95 0.46
N ARG A 323 38.49 -0.47 -0.79
CA ARG A 323 39.61 -0.52 -1.70
C ARG A 323 40.04 0.89 -2.09
N PRO A 324 41.34 1.13 -2.23
CA PRO A 324 41.79 2.46 -2.65
C PRO A 324 41.58 2.68 -4.14
N ILE A 325 41.38 3.95 -4.48
CA ILE A 325 41.46 4.35 -5.88
C ILE A 325 42.93 4.49 -6.30
N SER A 326 43.72 5.17 -5.47
CA SER A 326 45.15 5.37 -5.70
C SER A 326 45.94 4.51 -4.74
N PRO A 327 46.88 3.70 -5.22
CA PRO A 327 47.71 2.91 -4.30
C PRO A 327 48.57 3.81 -3.42
N GLU A 328 48.84 3.33 -2.21
CA GLU A 328 49.45 4.19 -1.19
C GLU A 328 50.83 4.67 -1.60
N ASN A 329 51.52 3.92 -2.46
CA ASN A 329 52.89 4.24 -2.82
C ASN A 329 52.98 5.39 -3.82
N LYS A 330 51.95 5.60 -4.62
CA LYS A 330 51.95 6.67 -5.62
C LYS A 330 51.39 7.99 -5.08
N ILE A 331 51.06 8.06 -3.80
CA ILE A 331 50.47 9.25 -3.19
C ILE A 331 51.29 9.66 -1.97
N ASP A 332 51.46 10.97 -1.79
CA ASP A 332 52.00 11.52 -0.56
C ASP A 332 50.85 11.72 0.43
N LEU A 333 51.05 11.27 1.66
CA LEU A 333 49.96 11.23 2.63
C LEU A 333 49.66 12.59 3.24
N ASN A 334 50.65 13.47 3.32
CA ASN A 334 50.49 14.74 4.04
C ASN A 334 49.95 15.86 3.17
N ASN A 335 49.72 15.62 1.88
CA ASN A 335 49.25 16.69 1.01
C ASN A 335 47.77 16.95 1.32
N GLU A 336 47.46 18.16 1.77
CA GLU A 336 46.11 18.55 2.13
C GLU A 336 45.38 19.20 0.95
N GLN A 337 46.08 19.36 -0.17
CA GLN A 337 45.51 19.82 -1.43
C GLN A 337 44.99 18.68 -2.29
N GLU A 338 45.34 17.43 -1.97
CA GLU A 338 44.97 16.26 -2.77
C GLU A 338 43.74 15.58 -2.18
N ASN A 339 42.88 15.05 -3.06
CA ASN A 339 41.64 14.39 -2.68
C ASN A 339 41.67 12.94 -3.17
N ILE A 340 41.70 12.00 -2.22
CA ILE A 340 41.65 10.57 -2.52
C ILE A 340 40.35 10.00 -1.93
N SER A 341 39.85 8.94 -2.57
CA SER A 341 38.43 8.59 -2.51
C SER A 341 38.17 7.24 -1.85
N PHE A 342 38.80 6.18 -2.33
CA PHE A 342 38.54 4.75 -2.14
C PHE A 342 37.20 4.30 -2.71
N TYR A 343 36.58 3.33 -2.03
CA TYR A 343 35.40 2.56 -2.43
C TYR A 343 34.84 1.89 -1.19
N TYR A 344 33.60 1.41 -1.26
CA TYR A 344 33.12 0.49 -0.23
C TYR A 344 32.68 -0.82 -0.87
N GLU A 345 33.50 -1.87 -0.74
CA GLU A 345 33.16 -3.22 -1.21
C GLU A 345 32.94 -3.35 -2.72
N ASN A 346 32.99 -2.24 -3.47
CA ASN A 346 32.88 -2.27 -4.95
C ASN A 346 31.56 -2.89 -5.48
N LEU A 347 30.41 -2.19 -5.46
CA LEU A 347 30.21 -0.73 -5.36
C LEU A 347 31.05 0.09 -6.34
N PRO A 348 30.62 0.12 -7.60
CA PRO A 348 31.41 0.85 -8.63
C PRO A 348 31.63 2.32 -8.33
N GLU A 349 30.79 2.95 -7.49
CA GLU A 349 30.90 4.39 -7.22
C GLU A 349 31.81 4.65 -6.02
N PRO A 350 32.70 5.65 -6.09
CA PRO A 350 33.51 6.00 -4.93
C PRO A 350 32.66 6.43 -3.75
N PHE A 351 33.19 6.25 -2.54
CA PHE A 351 32.43 6.40 -1.31
C PHE A 351 32.83 7.65 -0.52
N ILE A 352 34.05 7.70 -0.01
CA ILE A 352 34.47 8.80 0.85
C ILE A 352 35.55 9.61 0.15
N SER A 353 36.16 10.56 0.88
CA SER A 353 37.28 11.33 0.33
C SER A 353 37.89 12.21 1.42
N THR A 354 39.13 12.65 1.13
CA THR A 354 39.92 13.65 1.87
C THR A 354 41.23 13.83 1.05
N THR A 355 41.98 14.95 1.13
CA THR A 355 42.14 16.00 2.16
C THR A 355 42.81 15.46 3.43
N SER A 356 42.14 15.52 4.59
CA SER A 356 42.79 15.40 5.89
C SER A 356 43.73 14.20 5.94
N ALA A 357 44.98 14.47 6.36
CA ALA A 357 46.02 13.46 6.30
C ALA A 357 45.92 12.47 7.45
N ILE A 358 45.47 12.92 8.63
CA ILE A 358 45.22 11.98 9.72
C ILE A 358 44.12 10.99 9.34
N MET A 359 43.14 11.43 8.55
CA MET A 359 42.07 10.53 8.11
C MET A 359 42.56 9.53 7.06
N LYS A 360 43.44 9.97 6.16
CA LYS A 360 43.93 9.10 5.09
C LYS A 360 44.55 7.83 5.67
N ALA A 361 45.46 7.99 6.65
CA ALA A 361 46.13 6.83 7.23
C ALA A 361 45.11 5.84 7.79
N ILE A 362 44.13 6.35 8.53
CA ILE A 362 43.06 5.50 9.05
C ILE A 362 42.39 4.74 7.92
N LEU A 363 42.11 5.41 6.80
CA LEU A 363 41.43 4.73 5.69
C LEU A 363 42.31 3.71 5.01
N TYR A 364 43.64 3.91 5.02
CA TYR A 364 44.53 2.95 4.40
C TYR A 364 44.78 1.73 5.29
N VAL A 365 44.82 1.90 6.62
CA VAL A 365 44.91 0.71 7.48
C VAL A 365 43.56 0.00 7.56
N TYR A 366 42.45 0.73 7.33
CA TYR A 366 41.17 0.08 7.26
C TYR A 366 40.98 -0.64 5.93
N ALA A 367 41.62 -0.13 4.87
CA ALA A 367 41.57 -0.79 3.58
C ALA A 367 42.54 -1.95 3.47
N GLU A 368 43.68 -1.89 4.17
CA GLU A 368 44.61 -3.02 4.16
C GLU A 368 44.00 -4.23 4.85
N ASN A 369 43.29 -4.00 5.95
CA ASN A 369 42.72 -5.02 6.80
C ASN A 369 41.32 -5.43 6.37
N ILE A 370 40.90 -5.06 5.15
CA ILE A 370 39.56 -5.36 4.68
C ILE A 370 39.22 -6.83 4.94
N SER A 371 38.08 -7.04 5.59
CA SER A 371 37.64 -8.37 6.06
C SER A 371 38.70 -9.02 6.96
N ASN A 372 39.36 -8.21 7.79
CA ASN A 372 40.24 -8.69 8.84
C ASN A 372 39.98 -7.84 10.08
N PRO A 373 38.95 -8.17 10.84
CA PRO A 373 38.57 -7.35 11.99
C PRO A 373 39.71 -7.10 12.96
N ILE A 374 39.89 -5.83 13.33
CA ILE A 374 40.89 -5.39 14.30
C ILE A 374 40.23 -4.40 15.25
N ARG A 375 40.89 -4.18 16.38
CA ARG A 375 40.35 -3.31 17.42
C ARG A 375 40.59 -1.84 17.08
N LEU A 376 39.66 -1.00 17.56
CA LEU A 376 39.68 0.42 17.22
C LEU A 376 40.94 1.10 17.72
N GLU A 377 41.34 0.81 18.96
CA GLU A 377 42.62 1.30 19.45
C GLU A 377 43.76 0.85 18.54
N GLN A 378 43.75 -0.43 18.14
CA GLN A 378 44.75 -0.96 17.22
C GLN A 378 44.70 -0.25 15.87
N VAL A 379 43.50 0.10 15.39
CA VAL A 379 43.40 0.89 14.17
C VAL A 379 44.12 2.22 14.36
N ALA A 380 43.88 2.88 15.49
CA ALA A 380 44.60 4.12 15.78
C ALA A 380 46.10 3.89 15.87
N LYS A 381 46.52 2.69 16.25
CA LYS A 381 47.95 2.40 16.37
C LYS A 381 48.58 2.26 14.98
N GLU A 382 48.10 1.28 14.18
CA GLU A 382 48.68 1.09 12.85
C GLU A 382 48.53 2.33 11.98
N ALA A 383 47.48 3.14 12.22
CA ALA A 383 47.39 4.43 11.53
C ALA A 383 48.47 5.38 12.04
N PHE A 384 48.73 5.36 13.34
CA PHE A 384 49.83 6.15 13.90
C PHE A 384 51.16 5.78 13.25
N LYS A 385 51.38 4.49 13.01
CA LYS A 385 52.64 4.06 12.41
C LYS A 385 52.67 4.30 10.90
N LYS A 386 51.52 4.25 10.22
CA LYS A 386 51.52 4.47 8.78
C LYS A 386 52.03 5.87 8.44
N LEU A 387 51.45 6.90 9.04
CA LEU A 387 52.05 8.23 9.02
C LEU A 387 52.26 8.62 10.49
N GLY A 388 53.49 8.58 10.97
CA GLY A 388 53.75 9.10 12.30
C GLY A 388 53.82 10.61 12.33
N LYS A 389 52.86 11.29 12.94
CA LYS A 389 53.06 12.72 13.12
C LYS A 389 52.61 13.11 14.52
N TYR A 390 51.32 12.93 14.74
CA TYR A 390 50.62 13.45 15.90
C TYR A 390 50.64 12.41 17.01
N ARG A 391 49.83 12.63 18.03
CA ARG A 391 49.70 11.73 19.17
C ARG A 391 48.58 10.72 18.92
N LEU A 392 48.77 9.52 19.46
CA LEU A 392 47.83 8.41 19.26
C LEU A 392 46.40 8.82 19.58
N GLN A 393 46.22 9.70 20.57
CA GLN A 393 44.88 10.20 20.92
C GLN A 393 44.32 11.10 19.82
N ASP A 394 45.13 11.58 18.89
CA ASP A 394 44.57 12.36 17.78
C ASP A 394 43.90 11.44 16.76
N PHE A 395 44.55 10.33 16.40
CA PHE A 395 43.91 9.34 15.54
C PHE A 395 42.68 8.74 16.24
N LEU A 396 42.87 8.22 17.46
CA LEU A 396 41.75 7.76 18.27
C LEU A 396 40.66 8.84 18.37
N ALA A 397 41.06 10.11 18.27
CA ALA A 397 40.13 11.23 18.40
C ALA A 397 39.32 11.42 17.13
N THR A 398 39.96 11.35 15.96
CA THR A 398 39.20 11.41 14.71
C THR A 398 38.22 10.25 14.62
N LEU A 399 38.65 9.05 15.04
CA LEU A 399 37.74 7.91 15.09
C LEU A 399 36.54 8.19 15.99
N GLU A 400 36.77 8.87 17.12
CA GLU A 400 35.65 9.26 17.97
C GLU A 400 34.76 10.29 17.28
N GLN A 401 35.37 11.27 16.61
CA GLN A 401 34.65 12.35 15.94
C GLN A 401 33.71 11.80 14.88
N HIS A 402 34.24 11.36 13.74
CA HIS A 402 33.41 10.64 12.77
C HIS A 402 34.17 9.39 12.29
N PHE A 403 33.89 8.26 12.93
CA PHE A 403 34.15 6.91 12.43
C PHE A 403 32.98 6.02 12.88
N ILE A 404 32.54 6.22 14.12
CA ILE A 404 31.23 5.74 14.56
C ILE A 404 30.22 6.43 13.65
N THR A 405 28.93 6.17 13.86
CA THR A 405 27.77 6.53 13.03
C THR A 405 27.88 5.84 11.67
N LEU A 406 29.08 5.37 11.32
CA LEU A 406 29.24 4.42 10.23
C LEU A 406 28.94 3.02 10.68
N ILE A 407 29.31 2.67 11.92
CA ILE A 407 28.94 1.37 12.45
C ILE A 407 27.44 1.30 12.68
N PHE A 408 26.81 2.44 12.96
CA PHE A 408 25.36 2.49 13.10
C PHE A 408 24.64 2.69 11.77
N GLN A 409 25.34 3.12 10.73
CA GLN A 409 24.78 3.12 9.40
C GLN A 409 24.96 1.78 8.68
N GLY A 410 25.77 0.88 9.22
CA GLY A 410 25.92 -0.45 8.69
C GLY A 410 27.18 -0.69 7.88
N TYR A 411 27.98 0.35 7.62
CA TYR A 411 29.18 0.20 6.80
C TYR A 411 30.35 -0.38 7.58
N LEU A 412 30.44 -0.10 8.88
CA LEU A 412 31.50 -0.62 9.73
C LEU A 412 30.94 -1.75 10.59
N LYS A 413 31.61 -2.90 10.58
CA LYS A 413 31.16 -4.06 11.32
C LYS A 413 31.93 -4.19 12.63
N ILE A 414 31.22 -4.58 13.68
CA ILE A 414 31.79 -4.82 15.00
C ILE A 414 31.70 -6.31 15.30
N PHE A 415 32.73 -6.86 15.97
CA PHE A 415 32.72 -8.30 16.22
C PHE A 415 32.83 -8.68 17.70
N GLU A 416 34.02 -8.69 18.29
CA GLU A 416 34.16 -9.24 19.67
C GLU A 416 33.52 -10.65 19.72
N THR A 417 34.23 -11.68 19.27
CA THR A 417 35.68 -11.62 19.17
C THR A 417 36.11 -11.79 17.73
N LYS A 418 37.43 -11.82 17.52
CA LYS A 418 37.92 -12.00 16.17
C LYS A 418 37.50 -13.35 15.64
N PRO A 419 36.81 -13.41 14.50
CA PRO A 419 36.35 -14.69 13.97
C PRO A 419 37.52 -15.61 13.65
N HIS A 420 37.22 -16.89 13.49
CA HIS A 420 38.24 -17.86 13.12
C HIS A 420 38.25 -17.92 11.60
N ALA A 421 39.29 -17.32 11.02
CA ALA A 421 39.44 -17.16 9.57
C ALA A 421 40.84 -16.61 9.36
N ILE A 422 41.18 -16.36 8.10
CA ILE A 422 42.50 -15.82 7.80
C ILE A 422 42.40 -14.89 6.60
N ALA A 423 43.09 -13.75 6.70
CA ALA A 423 43.15 -12.72 5.67
C ALA A 423 44.40 -12.83 4.79
N THR A 424 45.20 -13.87 4.93
CA THR A 424 46.39 -14.03 4.11
C THR A 424 46.34 -15.36 3.36
N ILE A 425 47.05 -15.43 2.24
CA ILE A 425 47.05 -16.64 1.41
C ILE A 425 48.22 -17.53 1.82
N THR A 426 47.89 -18.78 2.18
CA THR A 426 48.71 -19.68 2.99
C THR A 426 49.57 -20.66 2.17
N GLU A 427 49.74 -20.45 0.87
CA GLU A 427 50.64 -21.24 0.00
C GLU A 427 50.15 -22.67 -0.18
N LYS A 428 49.26 -23.11 0.72
CA LYS A 428 48.47 -24.34 0.61
C LYS A 428 47.10 -24.02 1.21
N PRO A 429 46.34 -23.14 0.55
CA PRO A 429 45.15 -22.58 1.21
C PRO A 429 44.20 -23.68 1.69
N LYS A 430 43.63 -23.47 2.87
CA LYS A 430 42.69 -24.39 3.49
C LYS A 430 41.36 -23.68 3.73
N THR A 431 40.31 -24.47 3.84
CA THR A 431 38.95 -23.96 3.97
C THR A 431 38.27 -24.70 5.12
N SER A 432 37.12 -24.17 5.54
CA SER A 432 36.30 -24.87 6.52
C SER A 432 35.96 -26.26 6.02
N GLN A 433 36.04 -27.24 6.92
CA GLN A 433 35.55 -28.57 6.59
C GLN A 433 34.09 -28.55 6.18
N PHE A 434 33.34 -27.55 6.65
CA PHE A 434 31.94 -27.38 6.27
C PHE A 434 31.80 -26.80 4.86
N ALA A 435 32.66 -25.86 4.48
CA ALA A 435 32.56 -25.26 3.15
C ALA A 435 33.02 -26.23 2.08
N ARG A 436 34.15 -26.90 2.33
CA ARG A 436 34.67 -27.89 1.39
C ARG A 436 33.66 -29.00 1.16
N TYR A 437 32.92 -29.36 2.20
CA TYR A 437 31.80 -30.28 2.09
C TYR A 437 30.65 -29.67 1.29
N GLN A 438 30.29 -28.44 1.60
CA GLN A 438 29.15 -27.80 0.95
C GLN A 438 29.34 -27.78 -0.56
N ALA A 439 30.55 -27.48 -1.02
CA ALA A 439 30.80 -27.30 -2.45
C ALA A 439 30.25 -28.44 -3.30
N LYS A 440 30.37 -29.67 -2.81
CA LYS A 440 29.91 -30.84 -3.58
C LYS A 440 28.43 -30.75 -3.87
N HIS A 441 27.62 -30.62 -2.84
CA HIS A 441 26.17 -30.47 -3.01
C HIS A 441 25.84 -29.00 -3.26
N ALA A 442 26.04 -28.18 -2.24
CA ALA A 442 25.76 -26.73 -2.16
C ALA A 442 24.31 -26.44 -2.56
N HIS A 443 24.08 -25.36 -3.29
CA HIS A 443 22.76 -24.92 -3.70
C HIS A 443 22.98 -24.12 -4.97
N PHE A 444 21.94 -24.02 -5.79
CA PHE A 444 22.11 -23.20 -6.97
C PHE A 444 21.04 -22.12 -7.00
N ASN A 445 21.47 -20.87 -7.19
CA ASN A 445 20.54 -19.84 -7.61
C ASN A 445 20.73 -19.77 -9.11
N ASN A 446 19.82 -20.45 -9.82
CA ASN A 446 19.83 -20.53 -11.28
C ASN A 446 18.96 -19.44 -11.91
N VAL A 447 18.62 -18.44 -11.11
CA VAL A 447 17.67 -17.38 -11.46
C VAL A 447 18.20 -16.04 -12.05
N THR A 448 19.46 -15.89 -12.50
CA THR A 448 20.51 -16.90 -12.70
C THR A 448 21.90 -16.45 -12.25
N ASN A 449 22.44 -17.08 -11.21
CA ASN A 449 23.80 -16.72 -10.80
C ASN A 449 24.80 -17.84 -10.56
N MET A 450 24.76 -18.37 -9.34
CA MET A 450 25.93 -18.99 -8.71
C MET A 450 25.46 -19.90 -7.58
N PHE A 451 26.38 -20.72 -7.10
CA PHE A 451 26.08 -21.55 -5.94
C PHE A 451 26.04 -20.69 -4.67
N SER A 452 25.72 -21.34 -3.55
CA SER A 452 25.61 -20.67 -2.27
C SER A 452 26.52 -21.38 -1.28
N ILE A 453 27.40 -20.61 -0.64
CA ILE A 453 28.37 -21.18 0.29
C ILE A 453 28.21 -20.48 1.65
N THR A 454 28.73 -21.10 2.69
CA THR A 454 28.73 -20.52 4.03
C THR A 454 30.15 -20.30 4.49
N ASN A 455 30.49 -19.05 4.80
CA ASN A 455 31.80 -18.67 5.30
C ASN A 455 31.83 -18.69 6.82
N ARG A 456 32.99 -18.35 7.39
CA ARG A 456 33.20 -18.46 8.84
C ARG A 456 32.33 -17.51 9.64
N LEU A 457 31.67 -16.56 9.00
CA LEU A 457 30.70 -15.68 9.63
C LEU A 457 29.28 -16.19 9.51
N ASN A 458 29.11 -17.40 8.94
CA ASN A 458 27.81 -18.01 8.65
C ASN A 458 27.04 -17.23 7.58
N ASP A 459 27.77 -16.54 6.70
CA ASP A 459 27.19 -15.79 5.61
C ASP A 459 27.33 -16.58 4.31
N MET A 460 26.27 -16.57 3.50
CA MET A 460 26.26 -17.34 2.25
C MET A 460 26.80 -16.48 1.12
N ILE A 461 27.90 -16.94 0.52
CA ILE A 461 28.59 -16.23 -0.55
C ILE A 461 28.21 -16.85 -1.88
N GLY A 462 27.97 -16.00 -2.88
CA GLY A 462 27.84 -16.47 -4.24
C GLY A 462 29.17 -16.96 -4.78
N ILE A 463 29.22 -18.24 -5.18
CA ILE A 463 30.42 -18.86 -5.73
C ILE A 463 30.12 -19.36 -7.14
N PRO A 464 30.82 -18.88 -8.17
CA PRO A 464 30.63 -19.43 -9.53
C PRO A 464 31.02 -20.91 -9.61
N ILE A 465 30.90 -21.51 -10.79
CA ILE A 465 31.28 -22.91 -10.94
C ILE A 465 32.80 -23.06 -10.90
N HIS A 466 33.50 -22.24 -11.69
CA HIS A 466 34.94 -22.37 -11.80
C HIS A 466 35.62 -22.09 -10.47
N GLU A 467 35.00 -21.26 -9.63
CA GLU A 467 35.46 -21.04 -8.28
C GLU A 467 35.03 -22.15 -7.32
N LYS A 468 33.97 -22.90 -7.64
CA LYS A 468 33.67 -24.06 -6.83
C LYS A 468 34.72 -25.15 -7.03
N TYR A 469 35.15 -25.35 -8.27
CA TYR A 469 36.22 -26.31 -8.53
C TYR A 469 37.51 -25.93 -7.81
N ILE A 470 37.74 -24.62 -7.62
CA ILE A 470 38.88 -24.19 -6.81
C ILE A 470 38.59 -24.39 -5.33
N LEU A 471 37.31 -24.25 -4.92
CA LEU A 471 36.98 -24.32 -3.50
C LEU A 471 37.12 -25.74 -2.97
N GLU A 472 36.61 -26.73 -3.70
CA GLU A 472 36.77 -28.12 -3.30
C GLU A 472 38.23 -28.52 -3.21
N MET A 473 39.12 -27.72 -3.80
CA MET A 473 40.52 -28.08 -3.94
C MET A 473 41.38 -27.59 -2.78
N LEU A 474 40.86 -26.76 -1.88
CA LEU A 474 41.69 -26.27 -0.78
C LEU A 474 41.38 -27.11 0.45
N ASP A 475 42.18 -28.14 0.68
CA ASP A 475 42.28 -28.80 1.97
C ASP A 475 43.59 -28.50 2.69
N GLY A 476 44.49 -27.75 2.06
CA GLY A 476 45.85 -27.63 2.54
C GLY A 476 46.84 -28.59 1.92
N THR A 477 46.37 -29.56 1.10
CA THR A 477 47.25 -30.52 0.46
C THR A 477 47.94 -29.95 -0.79
N HIS A 478 47.26 -29.08 -1.53
CA HIS A 478 47.79 -28.56 -2.78
C HIS A 478 48.20 -27.11 -2.62
N ASN A 479 49.20 -26.70 -3.40
CA ASN A 479 49.62 -25.31 -3.46
C ASN A 479 48.86 -24.60 -4.58
N ILE A 480 49.26 -23.36 -4.89
CA ILE A 480 48.58 -22.58 -5.93
C ILE A 480 48.88 -23.16 -7.31
N ASP A 481 50.08 -23.71 -7.51
CA ASP A 481 50.42 -24.33 -8.79
C ASP A 481 49.49 -25.48 -9.12
N ASP A 482 49.12 -26.29 -8.13
CA ASP A 482 48.21 -27.40 -8.38
C ASP A 482 46.81 -26.91 -8.71
N ILE A 483 46.37 -25.82 -8.06
CA ILE A 483 45.11 -25.21 -8.42
C ILE A 483 45.12 -24.80 -9.89
N LYS A 484 46.16 -24.04 -10.29
CA LYS A 484 46.24 -23.59 -11.68
C LYS A 484 46.23 -24.76 -12.64
N LYS A 485 47.07 -25.78 -12.38
CA LYS A 485 47.14 -26.93 -13.28
C LYS A 485 45.80 -27.64 -13.38
N SER A 486 45.11 -27.81 -12.25
CA SER A 486 43.82 -28.50 -12.28
C SER A 486 42.79 -27.71 -13.07
N ILE A 487 42.75 -26.39 -12.89
CA ILE A 487 41.82 -25.57 -13.64
C ILE A 487 42.11 -25.69 -15.14
N ILE A 488 43.39 -25.59 -15.53
CA ILE A 488 43.75 -25.75 -16.93
C ILE A 488 43.37 -27.13 -17.45
N GLU A 489 43.50 -28.17 -16.62
CA GLU A 489 43.06 -29.50 -17.00
C GLU A 489 41.56 -29.52 -17.29
N LYS A 490 40.78 -28.82 -16.47
CA LYS A 490 39.34 -28.81 -16.67
C LYS A 490 38.86 -27.82 -17.72
N ILE A 491 39.75 -26.98 -18.27
CA ILE A 491 39.32 -26.02 -19.29
C ILE A 491 39.10 -26.74 -20.62
N ASN A 492 40.18 -27.26 -21.22
CA ASN A 492 40.11 -27.86 -22.55
C ASN A 492 39.13 -29.02 -22.59
N SER A 493 38.93 -29.68 -21.45
CA SER A 493 38.03 -30.83 -21.38
C SER A 493 36.57 -30.47 -21.24
N LYS A 494 36.23 -29.20 -21.36
CA LYS A 494 35.06 -28.55 -20.72
C LYS A 494 33.72 -29.32 -20.67
N LEU A 495 32.99 -29.28 -19.56
CA LEU A 495 33.28 -28.57 -18.29
C LEU A 495 33.47 -27.04 -18.45
N LEU A 496 34.66 -26.55 -18.07
CA LEU A 496 34.92 -25.12 -17.99
C LEU A 496 35.33 -24.54 -19.35
N THR A 497 34.55 -23.57 -19.83
CA THR A 497 34.83 -22.87 -21.08
C THR A 497 35.32 -21.46 -20.78
N ALA A 498 36.33 -21.03 -21.53
CA ALA A 498 36.88 -19.67 -21.44
C ALA A 498 36.72 -18.99 -22.79
N CYS A 499 35.89 -17.95 -22.84
CA CYS A 499 35.56 -17.29 -24.09
C CYS A 499 36.63 -16.26 -24.45
N ASP A 500 36.33 -15.48 -25.49
CA ASP A 500 37.23 -14.45 -26.03
C ASP A 500 38.56 -15.04 -26.49
N VAL A 506 37.34 -19.50 -27.07
CA VAL A 506 38.41 -20.49 -27.03
C VAL A 506 39.75 -19.78 -27.23
N THR A 507 40.84 -20.40 -26.78
CA THR A 507 42.15 -19.77 -26.78
C THR A 507 43.23 -20.85 -26.88
N ASP A 508 44.48 -20.39 -26.89
CA ASP A 508 45.62 -21.28 -27.09
C ASP A 508 46.36 -21.51 -25.78
N PRO A 509 47.37 -22.39 -25.72
CA PRO A 509 48.03 -22.66 -24.42
C PRO A 509 48.71 -21.46 -23.75
N LYS A 510 49.53 -20.71 -24.50
CA LYS A 510 50.35 -19.69 -23.85
C LYS A 510 49.51 -18.54 -23.32
N LEU A 511 48.35 -18.29 -23.92
CA LEU A 511 47.35 -17.39 -23.35
C LEU A 511 46.59 -18.05 -22.20
N LEU A 512 46.23 -19.34 -22.36
CA LEU A 512 45.41 -20.00 -21.35
C LEU A 512 46.10 -20.04 -20.00
N LYS A 513 47.42 -20.28 -19.98
CA LYS A 513 48.14 -20.26 -18.71
C LYS A 513 48.03 -18.89 -18.05
N GLU A 514 48.32 -17.83 -18.80
CA GLU A 514 48.31 -16.48 -18.25
C GLU A 514 46.91 -16.06 -17.81
N PHE A 515 45.88 -16.56 -18.49
CA PHE A 515 44.49 -16.25 -18.15
C PHE A 515 44.06 -16.98 -16.88
N VAL A 516 44.35 -18.28 -16.80
CA VAL A 516 44.01 -19.04 -15.61
C VAL A 516 44.77 -18.52 -14.39
N ASP A 517 46.02 -18.09 -14.55
CA ASP A 517 46.73 -17.46 -13.44
C ASP A 517 45.94 -16.30 -12.86
N TYR A 518 45.28 -15.54 -13.74
CA TYR A 518 44.50 -14.40 -13.28
C TYR A 518 43.25 -14.87 -12.55
N VAL A 519 42.37 -15.60 -13.25
CA VAL A 519 41.11 -16.00 -12.58
C VAL A 519 41.37 -16.79 -11.30
N VAL A 520 42.53 -17.45 -11.20
CA VAL A 520 42.88 -18.16 -9.97
C VAL A 520 43.27 -17.18 -8.88
N ALA A 521 44.31 -16.38 -9.11
CA ALA A 521 44.75 -15.40 -8.12
C ALA A 521 43.64 -14.44 -7.70
N VAL A 522 42.64 -14.22 -8.56
CA VAL A 522 41.47 -13.43 -8.18
C VAL A 522 40.51 -14.27 -7.33
N SER A 523 40.26 -15.52 -7.73
CA SER A 523 39.42 -16.41 -6.95
C SER A 523 39.95 -16.60 -5.53
N LEU A 524 41.26 -16.47 -5.33
CA LEU A 524 41.83 -16.60 -3.99
C LEU A 524 41.66 -15.31 -3.17
N GLU A 525 41.73 -14.15 -3.82
CA GLU A 525 41.46 -12.89 -3.10
C GLU A 525 40.00 -12.83 -2.68
N LYS A 526 39.09 -13.25 -3.57
CA LYS A 526 37.67 -13.28 -3.23
C LYS A 526 37.42 -14.17 -2.01
N PHE A 527 38.07 -15.34 -1.96
CA PHE A 527 37.98 -16.17 -0.76
C PHE A 527 38.57 -15.46 0.44
N ARG A 528 39.73 -14.83 0.25
CA ARG A 528 40.50 -14.28 1.36
C ARG A 528 39.70 -13.20 2.08
N ILE A 529 39.11 -12.26 1.34
CA ILE A 529 38.35 -11.18 1.96
C ILE A 529 36.90 -11.55 2.20
N ASN A 530 36.48 -12.79 1.90
CA ASN A 530 35.14 -13.24 2.27
C ASN A 530 35.13 -14.16 3.50
N TYR A 531 36.25 -14.31 4.19
CA TYR A 531 36.36 -15.17 5.38
C TYR A 531 36.20 -16.66 5.05
N LEU A 532 36.57 -17.04 3.82
CA LEU A 532 36.53 -18.44 3.41
C LEU A 532 37.87 -19.14 3.55
N LEU A 533 38.89 -18.46 4.08
CA LEU A 533 40.23 -19.03 4.22
C LEU A 533 40.49 -19.25 5.71
N VAL A 534 40.54 -20.52 6.12
CA VAL A 534 40.79 -20.87 7.53
C VAL A 534 42.25 -21.19 7.82
N GLY A 535 43.12 -21.23 6.81
CA GLY A 535 44.53 -21.49 7.02
C GLY A 535 45.27 -22.10 5.85
N TYR B 16 -26.19 11.33 13.81
CA TYR B 16 -27.39 11.54 12.99
C TYR B 16 -27.20 12.45 11.76
N PRO B 17 -26.17 12.23 10.95
CA PRO B 17 -26.03 13.03 9.72
C PRO B 17 -27.09 12.64 8.71
N PRO B 18 -27.91 13.62 8.25
CA PRO B 18 -28.76 13.34 7.09
C PRO B 18 -28.01 13.55 5.79
N PHE B 19 -28.08 12.59 4.86
CA PHE B 19 -27.42 12.71 3.56
C PHE B 19 -28.38 12.21 2.50
N THR B 20 -28.20 12.71 1.27
CA THR B 20 -28.84 12.11 0.10
C THR B 20 -27.79 11.83 -0.95
N PHE B 21 -27.92 10.68 -1.61
CA PHE B 21 -26.94 10.20 -2.58
C PHE B 21 -27.63 9.97 -3.92
N SER B 22 -27.09 10.59 -4.97
CA SER B 22 -27.61 10.48 -6.32
C SER B 22 -27.39 9.09 -6.95
N TYR B 23 -26.48 8.28 -6.41
CA TYR B 23 -26.24 6.95 -6.95
C TYR B 23 -27.03 5.85 -6.22
N THR B 24 -27.75 6.18 -5.14
CA THR B 24 -28.68 5.26 -4.51
C THR B 24 -30.12 5.50 -4.96
N TYR B 25 -30.32 6.47 -5.84
CA TYR B 25 -31.63 6.83 -6.35
C TYR B 25 -32.16 5.72 -7.25
N PRO B 26 -33.42 5.30 -7.08
CA PRO B 26 -33.97 4.25 -7.95
C PRO B 26 -33.89 4.58 -9.43
N PRO B 27 -34.20 5.82 -9.85
CA PRO B 27 -34.09 6.14 -11.29
C PRO B 27 -32.67 5.99 -11.85
N TYR B 28 -31.64 6.10 -11.01
CA TYR B 28 -30.28 5.86 -11.49
C TYR B 28 -29.97 4.37 -11.57
N LEU B 29 -30.39 3.61 -10.56
CA LEU B 29 -30.27 2.15 -10.62
C LEU B 29 -30.92 1.60 -11.88
N ARG B 30 -32.13 2.07 -12.19
CA ARG B 30 -32.80 1.65 -13.41
C ARG B 30 -32.00 2.05 -14.65
N THR B 31 -31.34 3.21 -14.60
CA THR B 31 -30.51 3.62 -15.72
C THR B 31 -29.38 2.64 -15.96
N ILE B 32 -28.72 2.19 -14.88
CA ILE B 32 -27.63 1.23 -15.05
C ILE B 32 -28.17 -0.12 -15.50
N GLY B 33 -29.31 -0.54 -14.97
CA GLY B 33 -29.89 -1.81 -15.35
C GLY B 33 -30.28 -1.86 -16.82
N LYS B 34 -31.12 -0.92 -17.25
CA LYS B 34 -31.56 -0.84 -18.63
C LYS B 34 -30.40 -0.49 -19.56
N LEU B 35 -29.33 0.10 -19.03
CA LEU B 35 -28.13 0.33 -19.83
C LEU B 35 -27.49 -0.99 -20.24
N PHE B 36 -27.42 -1.96 -19.32
CA PHE B 36 -26.76 -3.23 -19.57
C PHE B 36 -27.69 -4.28 -20.18
N GLY B 37 -28.90 -3.88 -20.57
CA GLY B 37 -29.82 -4.80 -21.21
C GLY B 37 -30.85 -5.42 -20.28
N LEU B 38 -30.84 -5.06 -19.00
CA LEU B 38 -31.81 -5.58 -18.05
C LEU B 38 -33.17 -4.95 -18.32
N ASN B 39 -34.16 -5.38 -17.56
CA ASN B 39 -35.51 -4.83 -17.62
C ASN B 39 -35.96 -4.46 -16.22
N PRO B 40 -35.45 -3.37 -15.67
CA PRO B 40 -35.78 -3.02 -14.28
C PRO B 40 -37.25 -2.67 -14.16
N PRO B 41 -37.84 -2.78 -12.96
CA PRO B 41 -39.27 -2.50 -12.83
C PRO B 41 -39.63 -1.05 -13.13
N LEU B 42 -40.92 -0.75 -13.12
CA LEU B 42 -41.39 0.61 -13.34
C LEU B 42 -41.13 1.47 -12.11
N LEU B 43 -40.77 2.73 -12.34
CA LEU B 43 -40.54 3.66 -11.25
C LEU B 43 -41.86 4.18 -10.68
N GLU B 44 -42.85 4.39 -11.56
CA GLU B 44 -44.12 5.01 -11.19
C GLU B 44 -44.79 4.29 -10.03
N THR B 45 -44.85 2.96 -10.09
CA THR B 45 -45.41 2.13 -9.02
C THR B 45 -44.34 1.52 -8.11
N ALA B 46 -43.07 1.89 -8.29
CA ALA B 46 -41.95 1.10 -7.74
C ALA B 46 -42.06 0.94 -6.24
N LYS B 47 -41.59 -0.20 -5.75
CA LYS B 47 -41.48 -0.47 -4.32
C LYS B 47 -40.00 -0.58 -3.97
N VAL B 48 -39.54 0.28 -3.06
CA VAL B 48 -38.13 0.33 -2.68
C VAL B 48 -38.00 0.08 -1.18
N LEU B 49 -36.83 -0.41 -0.79
CA LEU B 49 -36.53 -0.75 0.59
C LEU B 49 -35.13 -0.27 0.92
N ASP B 50 -34.97 0.41 2.04
CA ASP B 50 -33.68 0.92 2.49
C ASP B 50 -33.31 0.21 3.79
N ILE B 51 -32.24 -0.58 3.73
CA ILE B 51 -31.71 -1.27 4.90
C ILE B 51 -30.58 -0.42 5.46
N GLY B 52 -30.68 -0.07 6.74
CA GLY B 52 -29.80 0.94 7.29
C GLY B 52 -30.21 2.35 6.90
N CYS B 53 -31.52 2.63 6.86
CA CYS B 53 -32.00 3.92 6.41
C CYS B 53 -31.67 5.03 7.40
N GLY B 54 -31.61 4.72 8.69
CA GLY B 54 -31.39 5.78 9.67
C GLY B 54 -32.57 6.72 9.70
N ILE B 55 -32.31 8.01 9.47
CA ILE B 55 -33.39 8.99 9.34
C ILE B 55 -34.27 8.63 8.15
N GLY B 56 -33.66 8.28 7.03
CA GLY B 56 -34.39 7.82 5.85
C GLY B 56 -34.72 8.88 4.84
N VAL B 57 -34.11 10.07 4.92
CA VAL B 57 -34.35 11.11 3.93
C VAL B 57 -33.91 10.65 2.54
N ASN B 58 -32.98 9.70 2.46
CA ASN B 58 -32.57 9.13 1.18
C ASN B 58 -33.74 8.54 0.41
N LEU B 59 -34.79 8.11 1.12
CA LEU B 59 -35.98 7.57 0.49
C LEU B 59 -37.01 8.64 0.12
N LEU B 60 -36.88 9.86 0.65
CA LEU B 60 -37.99 10.80 0.57
C LEU B 60 -38.14 11.39 -0.83
N ASN B 61 -37.03 11.83 -1.43
CA ASN B 61 -37.08 12.51 -2.72
C ASN B 61 -37.85 11.68 -3.74
N PHE B 62 -37.41 10.43 -3.95
CA PHE B 62 -38.12 9.52 -4.83
C PHE B 62 -39.60 9.43 -4.45
N ALA B 63 -39.88 9.24 -3.16
CA ALA B 63 -41.27 9.15 -2.72
C ALA B 63 -42.05 10.40 -3.12
N GLU B 64 -41.42 11.58 -3.04
CA GLU B 64 -42.14 12.79 -3.43
C GLU B 64 -42.37 12.84 -4.94
N THR B 65 -41.41 12.34 -5.74
CA THR B 65 -41.52 12.46 -7.18
C THR B 65 -42.55 11.49 -7.75
N TYR B 66 -42.68 10.31 -7.13
CA TYR B 66 -43.63 9.28 -7.54
C TYR B 66 -44.55 8.98 -6.36
N PRO B 67 -45.67 9.69 -6.23
CA PRO B 67 -46.55 9.52 -5.06
C PRO B 67 -47.22 8.16 -5.00
N LYS B 68 -47.27 7.44 -6.11
CA LYS B 68 -47.87 6.12 -6.18
C LYS B 68 -46.88 5.00 -5.82
N SER B 69 -45.67 5.37 -5.42
CA SER B 69 -44.61 4.41 -5.10
C SER B 69 -44.48 4.32 -3.57
N GLN B 70 -44.88 3.18 -3.02
CA GLN B 70 -44.69 2.94 -1.58
C GLN B 70 -43.27 2.47 -1.28
N SER B 71 -42.77 2.87 -0.12
CA SER B 71 -41.38 2.63 0.26
C SER B 71 -41.32 2.26 1.73
N LEU B 72 -40.35 1.42 2.10
CA LEU B 72 -40.17 1.01 3.49
C LEU B 72 -38.68 1.07 3.85
N GLY B 73 -38.33 1.94 4.78
CA GLY B 73 -37.04 1.85 5.43
C GLY B 73 -37.12 1.06 6.72
N VAL B 74 -36.02 0.38 7.04
CA VAL B 74 -35.90 -0.38 8.28
C VAL B 74 -34.50 -0.16 8.83
N ASP B 75 -34.40 0.34 10.05
CA ASP B 75 -33.11 0.55 10.68
C ASP B 75 -33.10 -0.14 12.05
N LEU B 76 -31.95 -0.07 12.71
CA LEU B 76 -31.83 -0.59 14.07
C LEU B 76 -32.25 0.46 15.09
N SER B 77 -31.54 1.58 15.12
CA SER B 77 -31.73 2.60 16.15
C SER B 77 -33.16 3.11 16.17
N LYS B 78 -33.77 3.08 17.36
CA LYS B 78 -35.13 3.60 17.51
C LYS B 78 -35.16 5.11 17.58
N THR B 79 -34.10 5.72 18.12
CA THR B 79 -34.00 7.19 18.11
C THR B 79 -33.97 7.73 16.68
N GLN B 80 -33.17 7.10 15.82
CA GLN B 80 -33.08 7.55 14.43
C GLN B 80 -34.39 7.31 13.69
N ILE B 81 -34.99 6.12 13.85
CA ILE B 81 -36.25 5.82 13.18
C ILE B 81 -37.33 6.80 13.63
N GLU B 82 -37.40 7.07 14.93
CA GLU B 82 -38.45 7.94 15.45
C GLU B 82 -38.22 9.40 15.06
N LEU B 83 -36.96 9.81 14.91
CA LEU B 83 -36.67 11.13 14.38
C LEU B 83 -37.10 11.24 12.92
N GLY B 84 -36.70 10.26 12.10
CA GLY B 84 -37.04 10.29 10.70
C GLY B 84 -38.54 10.27 10.47
N LYS B 85 -39.28 9.57 11.33
CA LYS B 85 -40.75 9.61 11.26
C LYS B 85 -41.25 11.04 11.45
N LYS B 86 -40.66 11.78 12.40
CA LYS B 86 -41.00 13.20 12.52
C LYS B 86 -40.73 13.94 11.23
N THR B 87 -39.54 13.73 10.65
CA THR B 87 -39.21 14.46 9.42
C THR B 87 -40.17 14.09 8.28
N ILE B 88 -40.75 12.89 8.32
CA ILE B 88 -41.71 12.48 7.31
C ILE B 88 -43.07 13.13 7.55
N SER B 89 -43.46 13.32 8.82
CA SER B 89 -44.71 14.03 9.09
C SER B 89 -44.57 15.52 8.75
N ASP B 90 -43.46 16.13 9.17
CA ASP B 90 -43.24 17.56 8.95
C ASP B 90 -43.30 17.92 7.46
N ALA B 91 -42.74 17.07 6.61
CA ALA B 91 -42.72 17.27 5.17
C ALA B 91 -43.98 16.74 4.48
N LYS B 92 -44.86 16.07 5.21
CA LYS B 92 -46.12 15.53 4.67
C LYS B 92 -45.85 14.56 3.52
N ILE B 93 -45.33 13.39 3.90
CA ILE B 93 -45.02 12.32 2.96
C ILE B 93 -45.81 11.08 3.37
N ASN B 94 -46.64 10.57 2.46
CA ASN B 94 -47.43 9.37 2.70
C ASN B 94 -46.81 8.11 2.13
N ASN B 95 -45.72 8.21 1.38
CA ASN B 95 -45.26 7.11 0.54
C ASN B 95 -44.23 6.22 1.20
N VAL B 96 -43.81 6.53 2.42
CA VAL B 96 -42.70 5.81 3.06
C VAL B 96 -43.05 5.49 4.50
N GLU B 97 -42.81 4.26 4.91
CA GLU B 97 -42.94 3.80 6.28
C GLU B 97 -41.59 3.32 6.78
N LEU B 98 -41.26 3.66 8.02
CA LEU B 98 -39.98 3.29 8.62
C LEU B 98 -40.22 2.46 9.87
N LYS B 99 -39.47 1.37 10.01
CA LYS B 99 -39.57 0.51 11.18
C LYS B 99 -38.19 0.25 11.76
N ALA B 100 -38.15 -0.01 13.06
CA ALA B 100 -36.94 -0.47 13.73
C ALA B 100 -36.98 -1.99 13.77
N LEU B 101 -36.14 -2.62 12.96
CA LEU B 101 -36.03 -4.08 12.91
C LEU B 101 -34.57 -4.44 12.65
N SER B 102 -34.06 -5.39 13.44
CA SER B 102 -32.75 -5.97 13.13
C SER B 102 -32.83 -6.70 11.79
N ILE B 103 -31.70 -6.76 11.09
CA ILE B 103 -31.67 -7.40 9.77
C ILE B 103 -32.15 -8.85 9.89
N LEU B 104 -31.76 -9.53 10.96
CA LEU B 104 -32.16 -10.91 11.18
C LEU B 104 -33.65 -11.03 11.53
N ASP B 105 -34.32 -9.91 11.77
CA ASP B 105 -35.77 -9.86 11.82
C ASP B 105 -36.39 -9.55 10.46
N LEU B 106 -35.58 -9.39 9.41
CA LEU B 106 -36.08 -9.25 8.06
C LEU B 106 -36.20 -10.63 7.41
N ASP B 107 -37.41 -11.02 7.05
CA ASP B 107 -37.55 -12.26 6.28
C ASP B 107 -38.40 -12.09 5.03
N GLU B 108 -39.71 -11.94 5.25
CA GLU B 108 -40.78 -11.93 4.26
C GLU B 108 -41.98 -11.24 4.91
N SER B 109 -43.16 -11.44 4.33
CA SER B 109 -44.51 -11.17 4.83
C SER B 109 -44.88 -9.69 4.77
N TYR B 110 -43.96 -8.77 4.46
CA TYR B 110 -44.35 -7.46 3.93
C TYR B 110 -44.55 -7.56 2.42
N GLY B 111 -43.49 -7.85 1.69
CA GLY B 111 -43.58 -8.11 0.27
C GLY B 111 -42.20 -8.21 -0.32
N LYS B 112 -42.17 -8.25 -1.66
CA LYS B 112 -40.91 -8.21 -2.39
C LYS B 112 -40.83 -6.87 -3.11
N PHE B 113 -39.68 -6.21 -3.00
CA PHE B 113 -39.54 -4.83 -3.43
C PHE B 113 -38.77 -4.75 -4.74
N ASP B 114 -39.15 -3.77 -5.56
CA ASP B 114 -38.54 -3.57 -6.87
C ASP B 114 -37.13 -3.01 -6.80
N TYR B 115 -36.78 -2.32 -5.72
CA TYR B 115 -35.44 -1.77 -5.57
C TYR B 115 -35.00 -1.92 -4.12
N ILE B 116 -33.77 -2.36 -3.91
CA ILE B 116 -33.25 -2.57 -2.55
C ILE B 116 -31.92 -1.84 -2.42
N VAL B 117 -31.77 -1.08 -1.34
CA VAL B 117 -30.59 -0.24 -1.11
C VAL B 117 -30.01 -0.57 0.26
N CYS B 118 -28.80 -1.13 0.25
CA CYS B 118 -27.98 -1.40 1.42
C CYS B 118 -26.73 -0.53 1.29
N HIS B 119 -26.63 0.53 2.09
CA HIS B 119 -25.58 1.53 1.92
C HIS B 119 -24.76 1.66 3.20
N GLY B 120 -23.48 1.32 3.10
CA GLY B 120 -22.54 1.54 4.17
C GLY B 120 -22.84 0.81 5.45
N VAL B 121 -23.76 -0.15 5.42
CA VAL B 121 -23.98 -1.06 6.53
C VAL B 121 -23.39 -2.45 6.30
N TYR B 122 -22.79 -2.71 5.13
CA TYR B 122 -22.35 -4.08 4.87
C TYR B 122 -21.05 -4.42 5.57
N SER B 123 -20.07 -3.50 5.53
CA SER B 123 -18.77 -3.77 6.11
C SER B 123 -18.72 -3.56 7.62
N TRP B 124 -19.82 -3.12 8.22
CA TRP B 124 -19.88 -2.76 9.62
C TRP B 124 -20.47 -3.83 10.53
N VAL B 125 -20.87 -4.99 10.00
CA VAL B 125 -21.63 -5.98 10.77
C VAL B 125 -20.91 -7.32 10.73
N SER B 126 -21.37 -8.22 11.60
CA SER B 126 -20.74 -9.52 11.82
C SER B 126 -20.87 -10.41 10.60
N GLN B 127 -20.04 -11.46 10.58
CA GLN B 127 -20.02 -12.40 9.46
C GLN B 127 -21.40 -12.99 9.21
N GLU B 128 -22.14 -13.30 10.28
CA GLU B 128 -23.51 -13.81 10.16
C GLU B 128 -24.37 -12.87 9.33
N VAL B 129 -24.60 -11.66 9.84
CA VAL B 129 -25.40 -10.67 9.12
C VAL B 129 -24.75 -10.31 7.79
N GLN B 130 -23.41 -10.45 7.70
CA GLN B 130 -22.74 -10.26 6.42
C GLN B 130 -23.21 -11.28 5.38
N ASP B 131 -23.54 -12.50 5.80
CA ASP B 131 -24.17 -13.43 4.87
C ASP B 131 -25.67 -13.17 4.74
N LYS B 132 -26.31 -12.83 5.84
CA LYS B 132 -27.77 -12.71 5.86
C LYS B 132 -28.25 -11.50 5.06
N ILE B 133 -27.40 -10.51 4.84
CA ILE B 133 -27.80 -9.38 4.02
C ILE B 133 -28.01 -9.84 2.57
N LEU B 134 -27.06 -10.63 2.06
CA LEU B 134 -27.21 -11.20 0.73
C LEU B 134 -28.33 -12.24 0.69
N GLU B 135 -28.53 -12.98 1.79
CA GLU B 135 -29.70 -13.85 1.91
C GLU B 135 -30.99 -13.06 1.68
N VAL B 136 -31.26 -12.08 2.55
CA VAL B 136 -32.48 -11.29 2.45
C VAL B 136 -32.62 -10.67 1.06
N LEU B 137 -31.54 -10.03 0.59
CA LEU B 137 -31.54 -9.43 -0.75
C LEU B 137 -31.86 -10.45 -1.84
N ASN B 138 -31.59 -11.73 -1.59
CA ASN B 138 -32.10 -12.77 -2.47
C ASN B 138 -33.60 -12.96 -2.30
N LYS B 139 -34.05 -13.19 -1.06
CA LYS B 139 -35.45 -13.59 -0.89
C LYS B 139 -36.41 -12.40 -0.97
N LEU B 140 -36.00 -11.22 -0.50
CA LEU B 140 -36.86 -10.04 -0.48
C LEU B 140 -36.87 -9.25 -1.79
N LEU B 141 -35.94 -9.53 -2.71
CA LEU B 141 -35.94 -8.85 -3.99
C LEU B 141 -37.05 -9.41 -4.87
N ASN B 142 -37.17 -8.86 -6.07
CA ASN B 142 -38.14 -9.30 -7.06
C ASN B 142 -37.36 -9.85 -8.27
N PRO B 143 -38.02 -10.46 -9.27
CA PRO B 143 -37.23 -11.08 -10.35
C PRO B 143 -36.35 -10.10 -11.12
N ASN B 144 -36.90 -8.96 -11.52
CA ASN B 144 -36.15 -7.95 -12.24
C ASN B 144 -35.59 -6.86 -11.34
N GLY B 145 -35.85 -6.95 -10.03
CA GLY B 145 -35.43 -5.90 -9.13
C GLY B 145 -33.93 -5.75 -9.08
N ILE B 146 -33.49 -4.59 -8.59
CA ILE B 146 -32.08 -4.23 -8.55
C ILE B 146 -31.67 -4.04 -7.10
N ALA B 147 -30.54 -4.68 -6.74
CA ALA B 147 -29.98 -4.57 -5.40
C ALA B 147 -28.73 -3.70 -5.43
N PHE B 148 -28.52 -2.95 -4.36
CA PHE B 148 -27.38 -2.06 -4.23
C PHE B 148 -26.75 -2.32 -2.87
N VAL B 149 -25.45 -2.58 -2.85
CA VAL B 149 -24.73 -2.81 -1.60
C VAL B 149 -23.42 -2.05 -1.65
N SER B 150 -23.15 -1.24 -0.63
CA SER B 150 -21.91 -0.49 -0.52
C SER B 150 -21.02 -1.13 0.53
N TYR B 151 -19.74 -1.30 0.20
CA TYR B 151 -18.78 -1.92 1.10
C TYR B 151 -17.40 -1.35 0.81
N ASN B 152 -16.51 -1.45 1.79
CA ASN B 152 -15.14 -1.09 1.47
C ASN B 152 -14.46 -2.28 0.79
N THR B 153 -13.25 -2.06 0.29
CA THR B 153 -12.59 -3.08 -0.51
C THR B 153 -11.12 -3.17 -0.18
N LEU B 154 -10.52 -4.25 -0.65
CA LEU B 154 -9.08 -4.49 -0.54
C LEU B 154 -8.48 -4.47 -1.94
N PRO B 155 -7.18 -4.15 -2.04
CA PRO B 155 -6.34 -3.71 -0.92
C PRO B 155 -6.33 -2.21 -0.67
N GLY B 156 -7.50 -1.58 -0.66
CA GLY B 156 -7.56 -0.17 -0.31
C GLY B 156 -7.75 -0.03 1.18
N TRP B 157 -8.39 -1.04 1.77
CA TRP B 157 -8.61 -1.06 3.20
C TRP B 157 -7.32 -1.19 3.97
N ASN B 158 -6.23 -1.58 3.30
CA ASN B 158 -4.99 -1.83 4.01
C ASN B 158 -4.36 -0.52 4.47
N MET B 159 -3.84 0.26 3.53
CA MET B 159 -3.21 1.52 3.88
C MET B 159 -4.06 2.38 4.82
N GLN B 160 -5.37 2.47 4.54
CA GLN B 160 -6.28 3.19 5.41
C GLN B 160 -6.27 2.59 6.81
N ASN B 161 -6.55 1.29 6.90
CA ASN B 161 -6.73 0.65 8.21
C ASN B 161 -5.46 0.77 9.06
N THR B 162 -4.29 0.70 8.42
CA THR B 162 -3.05 0.87 9.17
C THR B 162 -2.75 2.32 9.49
N ILE B 163 -3.29 3.29 8.74
CA ILE B 163 -3.25 4.66 9.24
C ILE B 163 -4.13 4.78 10.48
N ARG B 164 -5.28 4.11 10.47
CA ARG B 164 -6.21 4.17 11.59
C ARG B 164 -5.56 3.64 12.86
N GLU B 165 -4.90 2.49 12.76
CA GLU B 165 -4.19 1.94 13.91
C GLU B 165 -3.01 2.80 14.33
N MET B 166 -2.51 3.67 13.44
CA MET B 166 -1.47 4.62 13.83
C MET B 166 -2.05 5.74 14.68
N MET B 167 -3.11 6.41 14.19
CA MET B 167 -3.74 7.45 14.99
C MET B 167 -4.24 6.89 16.31
N MET B 168 -4.88 5.71 16.27
CA MET B 168 -5.33 5.06 17.50
C MET B 168 -4.14 4.79 18.41
N PHE B 169 -3.12 4.12 17.86
CA PHE B 169 -1.95 3.74 18.64
C PHE B 169 -1.33 4.94 19.35
N HIS B 170 -1.45 6.12 18.76
CA HIS B 170 -1.09 7.33 19.49
C HIS B 170 -1.94 7.47 20.75
N SER B 171 -3.25 7.62 20.59
CA SER B 171 -4.09 8.01 21.72
C SER B 171 -4.33 6.80 22.60
N GLU B 172 -3.80 6.86 23.83
CA GLU B 172 -3.64 5.78 24.81
C GLU B 172 -2.25 5.94 25.44
N LYS B 180 -8.25 13.90 21.74
CA LYS B 180 -9.49 13.51 21.09
C LYS B 180 -9.31 13.47 19.58
N LEU B 181 -10.23 14.10 18.86
CA LEU B 181 -10.09 14.19 17.41
C LEU B 181 -8.84 14.96 17.02
N GLN B 182 -8.44 15.95 17.82
CA GLN B 182 -7.31 16.79 17.43
C GLN B 182 -6.02 15.98 17.37
N GLN B 183 -5.80 15.11 18.37
CA GLN B 183 -4.57 14.34 18.46
C GLN B 183 -4.31 13.54 17.18
N ALA B 184 -5.37 13.17 16.48
CA ALA B 184 -5.22 12.54 15.17
C ALA B 184 -4.62 13.52 14.17
N ARG B 185 -5.17 14.73 14.09
CA ARG B 185 -4.64 15.71 13.14
C ARG B 185 -3.19 16.05 13.45
N LEU B 186 -2.84 16.09 14.74
CA LEU B 186 -1.46 16.31 15.15
C LEU B 186 -0.56 15.11 14.80
N LEU B 187 -1.08 13.88 14.90
CA LEU B 187 -0.39 12.72 14.34
C LEU B 187 -0.08 12.96 12.86
N LEU B 188 -1.13 13.15 12.05
CA LEU B 188 -0.95 13.28 10.60
C LEU B 188 0.03 14.39 10.24
N LYS B 189 -0.07 15.51 10.94
CA LYS B 189 0.95 16.55 10.86
C LYS B 189 2.32 15.91 11.03
N PHE B 190 2.54 15.31 12.21
CA PHE B 190 3.84 14.72 12.53
C PHE B 190 4.30 13.75 11.46
N ILE B 191 3.37 13.04 10.82
CA ILE B 191 3.71 12.20 9.68
C ILE B 191 4.29 13.03 8.55
N ASN B 192 3.59 14.10 8.14
CA ASN B 192 4.12 14.86 7.00
C ASN B 192 5.44 15.56 7.31
N ASP B 193 5.75 15.91 8.57
CA ASP B 193 7.13 16.35 8.75
C ASP B 193 8.10 15.17 8.74
N SER B 194 7.78 14.09 9.46
CA SER B 194 8.68 12.94 9.53
C SER B 194 9.04 12.45 8.12
N LEU B 195 8.10 12.53 7.19
CA LEU B 195 8.26 12.15 5.78
C LEU B 195 8.75 13.31 4.92
N GLY B 196 9.15 14.41 5.54
CA GLY B 196 9.56 15.61 4.83
C GLY B 196 10.66 15.34 3.82
N ASN B 197 10.88 16.26 2.88
CA ASN B 197 11.37 15.89 1.55
C ASN B 197 12.68 15.11 1.51
N SER B 198 13.29 14.80 2.68
CA SER B 198 14.27 13.71 2.68
C SER B 198 13.50 12.45 3.10
N THR B 199 13.02 11.74 2.07
CA THR B 199 12.70 10.32 1.92
C THR B 199 12.02 10.28 0.58
N THR B 200 12.22 9.25 -0.27
CA THR B 200 11.27 9.08 -1.37
C THR B 200 11.24 7.69 -2.02
N PRO B 201 11.15 6.57 -1.28
CA PRO B 201 10.78 5.31 -1.96
C PRO B 201 9.29 5.03 -2.05
N TYR B 202 8.63 5.19 -0.92
CA TYR B 202 7.32 4.63 -0.66
C TYR B 202 6.57 5.81 -0.09
N ALA B 203 7.22 6.45 0.85
CA ALA B 203 6.74 7.59 1.60
C ALA B 203 6.07 8.64 0.72
N ASN B 204 6.36 8.64 -0.59
CA ASN B 204 5.52 9.42 -1.50
C ASN B 204 4.10 8.90 -1.54
N PHE B 205 3.90 7.61 -1.25
CA PHE B 205 2.56 7.03 -1.10
C PHE B 205 1.97 7.34 0.27
N LEU B 206 2.81 7.37 1.32
CA LEU B 206 2.31 7.64 2.66
C LEU B 206 1.92 9.11 2.81
N ARG B 207 2.89 10.03 2.64
CA ARG B 207 2.59 11.45 2.77
C ARG B 207 1.44 11.87 1.88
N ASP B 208 1.32 11.26 0.69
CA ASP B 208 0.16 11.47 -0.17
C ASP B 208 -1.13 11.04 0.51
N GLU B 209 -1.29 9.74 0.76
CA GLU B 209 -2.55 9.23 1.30
C GLU B 209 -2.92 9.90 2.62
N ALA B 210 -1.92 10.08 3.49
CA ALA B 210 -2.14 10.72 4.79
C ALA B 210 -2.51 12.19 4.62
N LYS B 211 -1.77 12.92 3.78
CA LYS B 211 -2.14 14.31 3.50
C LYS B 211 -3.56 14.39 2.96
N LEU B 212 -4.04 13.34 2.28
CA LEU B 212 -5.44 13.32 1.88
C LEU B 212 -6.35 13.08 3.08
N ILE B 213 -5.95 12.21 4.00
CA ILE B 213 -6.75 11.93 5.19
C ILE B 213 -6.91 13.18 6.05
N SER B 214 -5.86 14.00 6.10
CA SER B 214 -5.89 15.21 6.92
C SER B 214 -6.96 16.18 6.44
N THR B 215 -7.08 16.37 5.14
CA THR B 215 -8.17 17.19 4.61
C THR B 215 -9.40 16.31 4.50
N TYR B 216 -10.40 16.62 5.33
CA TYR B 216 -11.62 15.84 5.52
C TYR B 216 -12.44 16.56 6.58
N ASP B 217 -13.72 16.24 6.64
CA ASP B 217 -14.58 16.83 7.66
C ASP B 217 -14.37 16.12 9.00
N ASP B 218 -14.37 16.90 10.08
CA ASP B 218 -14.15 16.35 11.41
C ASP B 218 -15.18 15.30 11.79
N SER B 219 -16.33 15.31 11.11
CA SER B 219 -17.31 14.24 11.27
C SER B 219 -16.87 12.97 10.53
N TYR B 220 -16.28 13.11 9.34
CA TYR B 220 -15.90 11.94 8.57
C TYR B 220 -14.73 11.19 9.22
N VAL B 221 -13.69 11.92 9.62
CA VAL B 221 -12.55 11.30 10.29
C VAL B 221 -13.00 10.61 11.57
N LEU B 222 -13.94 11.22 12.28
CA LEU B 222 -14.44 10.66 13.52
C LEU B 222 -15.27 9.41 13.28
N HIS B 223 -16.11 9.40 12.24
CA HIS B 223 -17.02 8.27 12.03
C HIS B 223 -16.30 7.08 11.40
N GLU B 224 -15.45 7.33 10.41
CA GLU B 224 -14.74 6.25 9.72
C GLU B 224 -13.54 5.77 10.52
N TYR B 225 -12.54 6.65 10.68
CA TYR B 225 -11.25 6.25 11.23
C TYR B 225 -11.29 6.10 12.75
N LEU B 226 -11.88 7.08 13.43
CA LEU B 226 -11.95 7.10 14.89
C LEU B 226 -13.29 6.57 15.44
N GLY B 227 -14.17 6.09 14.56
CA GLY B 227 -15.47 5.60 14.94
C GLY B 227 -15.54 4.11 15.20
N GLU B 228 -16.66 3.50 14.83
CA GLU B 228 -16.88 2.08 15.03
C GLU B 228 -15.92 1.28 14.13
N ILE B 229 -16.00 -0.04 14.23
CA ILE B 229 -15.04 -0.90 13.56
C ILE B 229 -15.70 -1.45 12.30
N ASN B 230 -15.20 -1.00 11.14
CA ASN B 230 -15.56 -1.55 9.85
C ASN B 230 -14.39 -2.37 9.33
N THR B 231 -14.60 -3.05 8.19
CA THR B 231 -13.58 -3.90 7.60
C THR B 231 -13.72 -3.87 6.08
N GLY B 232 -12.58 -3.92 5.39
CA GLY B 232 -12.59 -4.06 3.95
C GLY B 232 -12.61 -5.52 3.53
N THR B 233 -13.24 -5.77 2.37
CA THR B 233 -13.34 -7.12 1.81
C THR B 233 -12.84 -7.10 0.36
N TYR B 234 -12.92 -8.26 -0.29
CA TYR B 234 -12.47 -8.41 -1.67
C TYR B 234 -13.66 -8.51 -2.61
N PHE B 235 -13.46 -8.02 -3.84
CA PHE B 235 -14.52 -8.11 -4.84
C PHE B 235 -14.87 -9.56 -5.15
N HIS B 236 -13.87 -10.41 -5.36
CA HIS B 236 -14.15 -11.80 -5.67
C HIS B 236 -14.76 -12.53 -4.48
N GLN B 237 -14.40 -12.13 -3.25
CA GLN B 237 -14.98 -12.74 -2.07
C GLN B 237 -16.44 -12.29 -1.88
N PHE B 238 -16.74 -11.04 -2.21
CA PHE B 238 -18.11 -10.54 -2.08
C PHE B 238 -18.99 -11.14 -3.17
N ILE B 239 -18.66 -10.86 -4.43
CA ILE B 239 -19.38 -11.47 -5.56
C ILE B 239 -19.48 -12.97 -5.38
N GLU B 240 -18.42 -13.59 -4.87
CA GLU B 240 -18.47 -15.02 -4.64
C GLU B 240 -19.47 -15.36 -3.56
N LYS B 241 -19.56 -14.51 -2.53
CA LYS B 241 -20.53 -14.75 -1.46
C LYS B 241 -21.96 -14.58 -1.95
N ALA B 242 -22.18 -13.73 -2.95
CA ALA B 242 -23.52 -13.58 -3.51
C ALA B 242 -23.85 -14.70 -4.50
N GLN B 243 -22.84 -15.18 -5.23
CA GLN B 243 -23.05 -16.20 -6.26
C GLN B 243 -23.48 -17.53 -5.66
N LYS B 244 -23.18 -17.77 -4.39
CA LYS B 244 -23.74 -18.88 -3.65
C LYS B 244 -25.12 -18.57 -3.09
N ASN B 245 -25.50 -17.29 -3.02
CA ASN B 245 -26.83 -16.87 -2.58
C ASN B 245 -27.80 -16.68 -3.75
N HIS B 246 -27.42 -17.12 -4.96
CA HIS B 246 -28.20 -16.92 -6.18
C HIS B 246 -28.32 -15.44 -6.52
N LEU B 247 -27.18 -14.84 -6.84
CA LEU B 247 -27.12 -13.44 -7.26
C LEU B 247 -26.02 -13.27 -8.30
N ASN B 248 -26.24 -12.30 -9.19
CA ASN B 248 -25.33 -11.98 -10.27
C ASN B 248 -24.94 -10.51 -10.18
N TYR B 249 -23.72 -10.23 -10.65
CA TYR B 249 -23.12 -8.90 -10.55
C TYR B 249 -23.53 -8.07 -11.77
N LEU B 250 -24.27 -6.98 -11.52
CA LEU B 250 -24.68 -6.10 -12.60
C LEU B 250 -23.57 -5.14 -12.99
N GLY B 251 -23.15 -4.31 -12.05
CA GLY B 251 -22.12 -3.34 -12.31
C GLY B 251 -21.89 -2.48 -11.09
N ASP B 252 -21.33 -1.31 -11.32
CA ASP B 252 -21.11 -0.32 -10.28
C ASP B 252 -21.89 0.94 -10.63
N THR B 253 -22.21 1.71 -9.60
CA THR B 253 -22.82 3.02 -9.84
C THR B 253 -21.83 3.96 -10.52
N SER B 254 -20.55 3.84 -10.19
CA SER B 254 -19.53 4.63 -10.85
C SER B 254 -19.24 3.98 -12.19
N ILE B 255 -19.56 4.69 -13.27
CA ILE B 255 -19.29 4.15 -14.61
C ILE B 255 -17.84 4.41 -15.00
N ALA B 256 -17.28 5.53 -14.55
CA ALA B 256 -15.87 5.83 -14.74
C ALA B 256 -14.95 4.91 -13.95
N ALA B 257 -15.52 4.06 -13.08
CA ALA B 257 -14.73 3.14 -12.29
C ALA B 257 -14.26 1.94 -13.11
N MET B 258 -15.21 1.12 -13.57
CA MET B 258 -14.87 -0.12 -14.29
C MET B 258 -14.21 0.14 -15.64
N PHE B 259 -14.13 1.39 -16.08
CA PHE B 259 -13.59 1.71 -17.39
C PHE B 259 -12.12 1.30 -17.48
N ILE B 260 -11.78 0.56 -18.54
CA ILE B 260 -10.43 0.01 -18.69
C ILE B 260 -9.66 0.84 -19.71
N GLY B 261 -8.67 1.55 -19.21
CA GLY B 261 -7.61 2.21 -19.97
C GLY B 261 -7.85 3.66 -20.36
N ASN B 262 -6.86 4.55 -20.17
CA ASN B 262 -5.64 4.35 -19.34
C ASN B 262 -4.69 3.23 -19.76
N LEU B 263 -4.65 2.16 -18.96
CA LEU B 263 -3.56 1.19 -19.01
C LEU B 263 -3.24 0.78 -20.44
N PRO B 264 -1.96 0.55 -20.76
CA PRO B 264 -1.53 0.44 -22.17
C PRO B 264 -2.34 -0.58 -22.95
N THR B 265 -2.53 -0.26 -24.24
CA THR B 265 -3.35 -1.09 -25.12
C THR B 265 -2.78 -2.50 -25.28
N LYS B 266 -1.46 -2.66 -25.14
CA LYS B 266 -0.88 -3.99 -25.29
C LYS B 266 -1.29 -4.91 -24.14
N ALA B 267 -1.58 -4.33 -22.98
CA ALA B 267 -2.08 -5.04 -21.81
C ALA B 267 -3.61 -5.06 -21.77
N ALA B 268 -4.23 -3.87 -21.81
CA ALA B 268 -5.68 -3.76 -21.90
C ALA B 268 -6.25 -4.71 -22.93
N SER B 269 -5.54 -4.92 -24.04
CA SER B 269 -5.99 -5.90 -25.02
C SER B 269 -6.07 -7.29 -24.40
N LYS B 270 -5.17 -7.60 -23.46
CA LYS B 270 -5.24 -8.87 -22.76
C LYS B 270 -6.44 -8.90 -21.81
N LEU B 271 -6.70 -7.80 -21.10
CA LEU B 271 -7.84 -7.80 -20.19
C LEU B 271 -9.15 -7.95 -20.93
N GLN B 272 -9.31 -7.16 -22.00
CA GLN B 272 -10.51 -7.23 -22.83
C GLN B 272 -10.61 -8.55 -23.58
N ALA B 273 -9.47 -9.20 -23.85
CA ALA B 273 -9.48 -10.44 -24.61
C ALA B 273 -10.27 -11.53 -23.89
N ILE B 274 -10.09 -11.65 -22.58
CA ILE B 274 -10.84 -12.61 -21.80
C ILE B 274 -12.22 -12.04 -21.51
N ASN B 275 -13.24 -12.90 -21.52
CA ASN B 275 -14.56 -12.46 -21.09
C ASN B 275 -14.75 -13.00 -19.68
N ASP B 276 -14.46 -12.15 -18.70
CA ASP B 276 -14.85 -12.32 -17.32
C ASP B 276 -14.95 -10.93 -16.72
N ILE B 277 -16.04 -10.63 -16.01
CA ILE B 277 -16.11 -9.33 -15.36
C ILE B 277 -15.42 -9.38 -13.99
N VAL B 278 -15.47 -10.51 -13.30
CA VAL B 278 -14.93 -10.59 -11.94
C VAL B 278 -13.41 -10.52 -11.97
N CYS B 279 -12.76 -11.17 -12.96
CA CYS B 279 -11.30 -11.18 -13.10
C CYS B 279 -10.77 -9.84 -13.61
N THR B 280 -11.49 -9.20 -14.53
CA THR B 280 -11.06 -7.87 -14.98
C THR B 280 -11.19 -6.85 -13.85
N GLU B 281 -12.36 -6.76 -13.22
CA GLU B 281 -12.58 -5.81 -12.14
C GLU B 281 -11.66 -6.10 -10.96
N GLN B 282 -11.66 -7.35 -10.49
CA GLN B 282 -10.86 -7.74 -9.33
C GLN B 282 -9.40 -7.40 -9.54
N TYR B 283 -8.95 -7.41 -10.80
CA TYR B 283 -7.62 -6.92 -11.13
C TYR B 283 -7.56 -5.40 -11.08
N MET B 284 -8.57 -4.71 -11.63
CA MET B 284 -8.57 -3.25 -11.64
C MET B 284 -8.45 -2.67 -10.23
N ASP B 285 -9.05 -3.33 -9.24
CA ASP B 285 -8.88 -2.91 -7.85
C ASP B 285 -7.43 -3.02 -7.42
N PHE B 286 -6.81 -4.13 -7.85
CA PHE B 286 -5.44 -4.45 -7.47
C PHE B 286 -4.47 -3.41 -8.01
N ILE B 287 -4.72 -2.89 -9.22
CA ILE B 287 -3.85 -1.82 -9.72
C ILE B 287 -4.23 -0.47 -9.13
N THR B 288 -5.52 -0.17 -8.98
CA THR B 288 -5.94 1.16 -8.58
C THR B 288 -6.02 1.37 -7.08
N ASN B 289 -5.84 0.31 -6.27
CA ASN B 289 -5.98 0.40 -4.81
C ASN B 289 -7.34 0.97 -4.44
N ARG B 290 -8.39 0.24 -4.81
CA ARG B 290 -9.76 0.74 -4.70
C ARG B 290 -10.23 0.64 -3.25
N LYS B 291 -10.60 1.78 -2.67
CA LYS B 291 -10.97 1.81 -1.26
C LYS B 291 -12.38 1.30 -1.02
N PHE B 292 -13.35 1.78 -1.81
CA PHE B 292 -14.74 1.40 -1.62
C PHE B 292 -15.28 0.75 -2.89
N ARG B 293 -16.52 0.28 -2.80
CA ARG B 293 -17.29 -0.18 -3.94
C ARG B 293 -18.77 0.00 -3.64
N SER B 294 -19.52 0.43 -4.65
CA SER B 294 -20.98 0.47 -4.61
C SER B 294 -21.49 -0.42 -5.72
N THR B 295 -22.04 -1.58 -5.38
CA THR B 295 -22.22 -2.67 -6.31
C THR B 295 -23.69 -3.03 -6.48
N LEU B 296 -24.08 -3.25 -7.73
CA LEU B 296 -25.44 -3.61 -8.09
C LEU B 296 -25.52 -5.10 -8.40
N LEU B 297 -26.65 -5.70 -8.01
CA LEU B 297 -26.86 -7.13 -8.15
C LEU B 297 -28.25 -7.38 -8.70
N CYS B 298 -28.39 -8.46 -9.46
CA CYS B 298 -29.69 -8.89 -9.97
C CYS B 298 -29.77 -10.41 -9.83
N HIS B 299 -30.98 -10.94 -10.01
CA HIS B 299 -31.15 -12.38 -9.96
C HIS B 299 -30.39 -13.06 -11.09
N GLN B 300 -29.67 -14.14 -10.74
CA GLN B 300 -28.76 -14.77 -11.69
C GLN B 300 -29.48 -15.34 -12.91
N ASN B 301 -30.80 -15.50 -12.85
CA ASN B 301 -31.61 -16.01 -13.95
C ASN B 301 -31.64 -15.08 -15.15
N ILE B 302 -31.02 -13.91 -15.10
CA ILE B 302 -31.23 -12.88 -16.11
C ILE B 302 -29.94 -12.69 -16.90
N PRO B 303 -30.01 -12.53 -18.22
CA PRO B 303 -28.82 -12.15 -18.98
C PRO B 303 -28.51 -10.67 -18.85
N ILE B 304 -27.23 -10.35 -18.86
CA ILE B 304 -26.77 -8.96 -18.93
C ILE B 304 -26.13 -8.77 -20.29
N ASN B 305 -26.34 -7.59 -20.89
CA ASN B 305 -25.71 -7.26 -22.16
C ASN B 305 -24.53 -6.36 -21.86
N ARG B 306 -23.33 -6.92 -21.94
CA ARG B 306 -22.12 -6.13 -21.83
C ARG B 306 -21.77 -5.47 -23.16
N LYS B 307 -22.28 -6.00 -24.27
CA LYS B 307 -22.19 -5.31 -25.54
C LYS B 307 -22.85 -3.94 -25.40
N ILE B 308 -22.20 -2.93 -25.95
CA ILE B 308 -22.75 -1.59 -26.00
C ILE B 308 -23.32 -1.38 -27.39
N GLU B 309 -24.64 -1.37 -27.48
CA GLU B 309 -25.34 -1.24 -28.75
C GLU B 309 -25.84 0.20 -28.87
N PHE B 310 -25.28 0.93 -29.83
CA PHE B 310 -25.69 2.32 -30.04
C PHE B 310 -27.17 2.43 -30.39
N ASP B 311 -27.76 1.36 -30.93
CA ASP B 311 -29.19 1.38 -31.19
C ASP B 311 -29.98 1.59 -29.90
N ASN B 312 -29.47 1.07 -28.78
CA ASN B 312 -30.06 1.31 -27.47
C ASN B 312 -29.56 2.58 -26.79
N LEU B 313 -28.42 3.13 -27.23
CA LEU B 313 -27.87 4.31 -26.56
C LEU B 313 -28.47 5.61 -27.06
N LYS B 314 -29.21 5.58 -28.16
CA LYS B 314 -29.91 6.76 -28.64
C LYS B 314 -31.18 7.05 -27.85
N ASP B 315 -31.60 6.13 -26.98
CA ASP B 315 -32.79 6.33 -26.16
C ASP B 315 -32.47 6.85 -24.76
N PHE B 316 -31.20 7.00 -24.40
CA PHE B 316 -30.81 7.45 -23.06
C PHE B 316 -30.56 8.96 -23.10
N TYR B 317 -31.26 9.69 -22.23
CA TYR B 317 -31.09 11.14 -22.16
C TYR B 317 -29.65 11.47 -21.75
N THR B 318 -29.13 12.57 -22.30
CA THR B 318 -27.73 12.92 -22.10
C THR B 318 -27.58 14.28 -21.45
N THR B 319 -26.51 14.43 -20.66
CA THR B 319 -26.14 15.73 -20.12
C THR B 319 -24.63 15.89 -20.20
N PHE B 320 -24.20 16.98 -20.84
CA PHE B 320 -22.80 17.39 -20.89
C PHE B 320 -22.73 18.80 -20.32
N ASN B 321 -21.96 18.98 -19.26
CA ASN B 321 -21.84 20.30 -18.63
C ASN B 321 -20.67 21.01 -19.30
N ILE B 322 -20.99 22.04 -20.08
CA ILE B 322 -20.02 22.66 -20.97
C ILE B 322 -20.40 24.13 -21.10
N ARG B 323 -19.37 24.99 -21.20
CA ARG B 323 -19.62 26.41 -21.36
C ARG B 323 -19.01 26.90 -22.66
N PRO B 324 -19.67 27.82 -23.36
CA PRO B 324 -19.10 28.36 -24.59
C PRO B 324 -18.01 29.38 -24.32
N ILE B 325 -17.00 29.39 -25.18
CA ILE B 325 -16.01 30.46 -25.16
C ILE B 325 -16.54 31.70 -25.85
N SER B 326 -17.12 31.52 -27.03
CA SER B 326 -17.76 32.58 -27.79
C SER B 326 -19.16 32.11 -28.16
N PRO B 327 -20.15 33.00 -28.10
CA PRO B 327 -21.52 32.59 -28.43
C PRO B 327 -21.70 32.38 -29.92
N GLU B 328 -22.77 31.65 -30.26
CA GLU B 328 -23.02 31.29 -31.65
C GLU B 328 -23.12 32.54 -32.53
N ASN B 329 -23.92 33.52 -32.10
CA ASN B 329 -24.23 34.66 -32.94
C ASN B 329 -22.97 35.36 -33.45
N LYS B 330 -21.97 35.52 -32.57
CA LYS B 330 -20.78 36.27 -32.93
C LYS B 330 -19.74 35.43 -33.69
N ILE B 331 -19.90 34.10 -33.76
CA ILE B 331 -18.98 33.25 -34.51
C ILE B 331 -19.79 32.32 -35.41
N ASP B 332 -19.68 32.53 -36.72
CA ASP B 332 -20.25 31.61 -37.68
C ASP B 332 -19.28 30.45 -37.88
N LEU B 333 -19.72 29.24 -37.55
CA LEU B 333 -18.84 28.09 -37.49
C LEU B 333 -18.83 27.23 -38.75
N ASN B 334 -19.59 27.62 -39.78
CA ASN B 334 -19.69 26.76 -40.96
C ASN B 334 -18.36 26.56 -41.66
N ASN B 335 -17.37 27.40 -41.37
CA ASN B 335 -16.13 27.39 -42.14
C ASN B 335 -15.31 26.12 -41.88
N GLU B 336 -15.30 25.65 -40.64
CA GLU B 336 -14.45 24.54 -40.18
C GLU B 336 -12.96 24.90 -40.27
N GLN B 337 -12.63 26.19 -40.19
CA GLN B 337 -11.26 26.66 -40.19
C GLN B 337 -10.70 26.93 -38.79
N GLU B 338 -11.45 26.66 -37.74
CA GLU B 338 -11.14 27.21 -36.43
C GLU B 338 -11.04 26.12 -35.38
N ASN B 339 -10.46 26.48 -34.22
CA ASN B 339 -10.39 25.60 -33.05
C ASN B 339 -10.99 26.35 -31.86
N ILE B 340 -12.01 25.76 -31.23
CA ILE B 340 -12.83 26.45 -30.22
C ILE B 340 -12.96 25.59 -28.96
N SER B 341 -12.39 26.07 -27.84
CA SER B 341 -12.03 25.19 -26.72
C SER B 341 -13.23 24.85 -25.82
N PHE B 342 -14.18 25.78 -25.65
CA PHE B 342 -15.25 25.78 -24.64
C PHE B 342 -14.77 25.81 -23.18
N TYR B 343 -15.43 25.02 -22.34
CA TYR B 343 -15.08 24.75 -20.95
C TYR B 343 -15.72 23.41 -20.57
N TYR B 344 -15.11 22.65 -19.67
CA TYR B 344 -15.84 21.57 -19.01
C TYR B 344 -15.92 21.85 -17.52
N GLU B 345 -17.10 22.28 -17.06
CA GLU B 345 -17.36 22.63 -15.65
C GLU B 345 -16.51 23.80 -15.16
N ASN B 346 -15.53 24.22 -15.95
CA ASN B 346 -14.76 25.45 -15.69
C ASN B 346 -14.07 25.53 -14.31
N LEU B 347 -12.95 24.83 -14.03
CA LEU B 347 -12.07 24.08 -14.95
C LEU B 347 -11.60 24.93 -16.14
N PRO B 348 -10.64 25.83 -15.89
CA PRO B 348 -10.30 26.86 -16.89
C PRO B 348 -9.83 26.31 -18.23
N GLU B 349 -8.91 25.34 -18.25
CA GLU B 349 -8.37 24.84 -19.51
C GLU B 349 -9.29 23.75 -20.06
N PRO B 350 -9.82 23.91 -21.27
CA PRO B 350 -10.99 23.11 -21.65
C PRO B 350 -10.63 21.81 -22.35
N PHE B 351 -11.66 21.06 -22.75
CA PHE B 351 -11.47 19.74 -23.32
C PHE B 351 -11.01 19.89 -24.77
N ILE B 352 -10.95 18.77 -25.48
CA ILE B 352 -10.51 18.77 -26.87
C ILE B 352 -11.50 19.54 -27.73
N SER B 353 -11.04 19.99 -28.90
CA SER B 353 -11.87 20.90 -29.68
C SER B 353 -11.56 20.80 -31.17
N THR B 354 -12.59 21.04 -31.97
CA THR B 354 -12.47 20.98 -33.42
C THR B 354 -12.27 22.43 -33.92
N THR B 355 -11.93 22.74 -35.18
CA THR B 355 -11.95 21.98 -36.47
C THR B 355 -13.37 21.64 -36.95
N SER B 356 -13.71 20.35 -37.06
CA SER B 356 -14.92 19.90 -37.75
C SER B 356 -16.18 20.52 -37.16
N ALA B 357 -17.13 20.93 -38.02
CA ALA B 357 -18.34 21.57 -37.51
C ALA B 357 -19.41 20.58 -37.04
N ILE B 358 -19.51 19.41 -37.68
CA ILE B 358 -20.42 18.35 -37.24
C ILE B 358 -20.15 17.93 -35.79
N MET B 359 -19.01 18.33 -35.23
CA MET B 359 -18.70 18.19 -33.81
C MET B 359 -19.27 19.36 -33.01
N LYS B 360 -18.84 20.58 -33.36
CA LYS B 360 -19.27 21.78 -32.64
C LYS B 360 -20.79 21.86 -32.52
N ALA B 361 -21.49 21.56 -33.61
CA ALA B 361 -22.94 21.68 -33.61
C ALA B 361 -23.55 20.80 -32.53
N ILE B 362 -22.89 19.70 -32.17
CA ILE B 362 -23.27 18.91 -31.02
C ILE B 362 -22.86 19.61 -29.72
N LEU B 363 -21.70 20.27 -29.74
CA LEU B 363 -21.24 20.91 -28.50
C LEU B 363 -22.18 22.03 -28.07
N TYR B 364 -22.49 22.94 -29.00
CA TYR B 364 -23.32 24.09 -28.66
C TYR B 364 -24.75 23.70 -28.27
N VAL B 365 -25.28 22.61 -28.83
CA VAL B 365 -26.57 22.13 -28.32
C VAL B 365 -26.40 21.48 -26.96
N TYR B 366 -25.21 20.94 -26.64
CA TYR B 366 -25.01 20.53 -25.25
C TYR B 366 -24.91 21.73 -24.31
N ALA B 367 -24.42 22.87 -24.80
CA ALA B 367 -24.32 24.06 -23.96
C ALA B 367 -25.67 24.74 -23.79
N GLU B 368 -26.52 24.71 -24.83
CA GLU B 368 -27.87 25.22 -24.70
C GLU B 368 -28.66 24.45 -23.64
N ASN B 369 -28.49 23.12 -23.62
CA ASN B 369 -29.28 22.21 -22.81
C ASN B 369 -28.64 21.91 -21.46
N ILE B 370 -27.62 22.68 -21.05
CA ILE B 370 -26.86 22.35 -19.85
C ILE B 370 -27.81 22.07 -18.70
N SER B 371 -27.64 20.91 -18.07
CA SER B 371 -28.49 20.41 -17.00
C SER B 371 -29.96 20.27 -17.43
N ASN B 372 -30.21 20.12 -18.73
CA ASN B 372 -31.55 19.84 -19.25
C ASN B 372 -31.41 18.60 -20.12
N PRO B 373 -31.64 17.42 -19.56
CA PRO B 373 -31.41 16.17 -20.30
C PRO B 373 -32.27 16.08 -21.55
N ILE B 374 -31.64 15.70 -22.66
CA ILE B 374 -32.32 15.36 -23.89
C ILE B 374 -31.73 14.03 -24.36
N ARG B 375 -32.42 13.38 -25.29
CA ARG B 375 -31.98 12.07 -25.72
C ARG B 375 -30.67 12.20 -26.49
N LEU B 376 -30.09 11.07 -26.87
CA LEU B 376 -28.87 11.13 -27.66
C LEU B 376 -29.21 11.39 -29.12
N GLU B 377 -30.25 10.71 -29.63
CA GLU B 377 -30.67 10.93 -31.01
C GLU B 377 -31.17 12.35 -31.20
N GLN B 378 -31.90 12.89 -30.21
CA GLN B 378 -32.40 14.25 -30.33
C GLN B 378 -31.28 15.27 -30.21
N VAL B 379 -30.22 14.92 -29.47
CA VAL B 379 -28.99 15.70 -29.54
C VAL B 379 -28.49 15.76 -30.98
N ALA B 380 -28.40 14.60 -31.62
CA ALA B 380 -27.89 14.56 -32.99
C ALA B 380 -28.79 15.37 -33.92
N LYS B 381 -30.11 15.24 -33.76
CA LYS B 381 -31.03 16.00 -34.59
C LYS B 381 -30.83 17.50 -34.40
N GLU B 382 -30.91 17.96 -33.14
CA GLU B 382 -30.76 19.38 -32.85
C GLU B 382 -29.44 19.92 -33.40
N ALA B 383 -28.39 19.09 -33.39
CA ALA B 383 -27.14 19.49 -34.04
C ALA B 383 -27.32 19.57 -35.56
N PHE B 384 -28.18 18.71 -36.12
CA PHE B 384 -28.43 18.74 -37.56
C PHE B 384 -29.27 19.94 -37.97
N LYS B 385 -30.08 20.46 -37.06
CA LYS B 385 -30.87 21.66 -37.33
C LYS B 385 -30.05 22.93 -37.11
N LYS B 386 -29.22 22.96 -36.06
CA LYS B 386 -28.33 24.09 -35.85
C LYS B 386 -27.38 24.26 -37.03
N LEU B 387 -26.72 23.19 -37.44
CA LEU B 387 -25.90 23.17 -38.64
C LEU B 387 -26.57 22.24 -39.64
N GLY B 388 -27.15 22.81 -40.70
CA GLY B 388 -27.93 22.05 -41.66
C GLY B 388 -27.20 21.65 -42.93
N LYS B 389 -25.87 21.62 -42.89
CA LYS B 389 -25.10 21.26 -44.07
C LYS B 389 -25.10 19.76 -44.33
N TYR B 390 -24.89 18.95 -43.29
CA TYR B 390 -24.65 17.53 -43.44
C TYR B 390 -25.93 16.72 -43.23
N ARG B 391 -25.78 15.39 -43.18
CA ARG B 391 -26.89 14.47 -42.95
C ARG B 391 -26.92 14.02 -41.50
N LEU B 392 -28.13 13.80 -40.99
CA LEU B 392 -28.35 13.29 -39.64
C LEU B 392 -27.48 12.08 -39.33
N GLN B 393 -27.65 11.01 -40.11
CA GLN B 393 -26.97 9.74 -39.87
C GLN B 393 -25.45 9.86 -39.89
N ASP B 394 -24.91 10.97 -40.41
CA ASP B 394 -23.51 11.29 -40.22
C ASP B 394 -23.27 11.94 -38.85
N PHE B 395 -24.21 12.77 -38.38
CA PHE B 395 -24.12 13.24 -37.00
C PHE B 395 -24.08 12.06 -36.04
N LEU B 396 -24.96 11.07 -36.25
CA LEU B 396 -24.89 9.85 -35.45
C LEU B 396 -23.56 9.13 -35.63
N ALA B 397 -22.94 9.28 -36.81
CA ALA B 397 -21.61 8.68 -36.98
C ALA B 397 -20.60 9.36 -36.06
N THR B 398 -20.72 10.68 -35.87
CA THR B 398 -19.87 11.34 -34.89
C THR B 398 -20.17 10.84 -33.48
N LEU B 399 -21.47 10.81 -33.11
CA LEU B 399 -21.92 10.38 -31.79
C LEU B 399 -21.43 8.98 -31.46
N GLU B 400 -21.95 8.00 -32.20
CA GLU B 400 -21.54 6.61 -32.03
C GLU B 400 -20.03 6.45 -32.17
N GLN B 401 -19.41 7.27 -33.00
CA GLN B 401 -17.97 7.22 -33.15
C GLN B 401 -17.30 7.42 -31.80
N HIS B 402 -17.30 8.66 -31.28
CA HIS B 402 -16.87 8.85 -29.89
C HIS B 402 -17.80 9.83 -29.18
N PHE B 403 -18.66 9.28 -28.32
CA PHE B 403 -19.31 9.98 -27.21
C PHE B 403 -19.25 9.01 -26.06
N ILE B 404 -19.58 7.76 -26.37
CA ILE B 404 -19.55 6.60 -25.49
C ILE B 404 -18.36 6.67 -24.55
N THR B 405 -17.15 6.79 -25.11
CA THR B 405 -15.96 6.98 -24.29
C THR B 405 -16.12 8.09 -23.25
N LEU B 406 -16.92 9.12 -23.52
CA LEU B 406 -17.16 10.13 -22.49
C LEU B 406 -18.15 9.66 -21.43
N ILE B 407 -19.19 8.92 -21.82
CA ILE B 407 -20.18 8.47 -20.85
C ILE B 407 -19.63 7.33 -19.98
N PHE B 408 -18.60 6.63 -20.45
CA PHE B 408 -17.91 5.61 -19.67
C PHE B 408 -16.67 6.13 -18.97
N GLN B 409 -16.27 7.38 -19.25
CA GLN B 409 -15.25 8.07 -18.48
C GLN B 409 -15.86 9.01 -17.44
N GLY B 410 -17.18 9.10 -17.37
CA GLY B 410 -17.86 9.87 -16.35
C GLY B 410 -18.18 11.31 -16.71
N TYR B 411 -17.81 11.77 -17.90
CA TYR B 411 -18.04 13.18 -18.25
C TYR B 411 -19.48 13.44 -18.68
N LEU B 412 -20.15 12.47 -19.28
CA LEU B 412 -21.47 12.65 -19.88
C LEU B 412 -22.47 11.78 -19.14
N LYS B 413 -23.47 12.42 -18.54
CA LYS B 413 -24.49 11.69 -17.79
C LYS B 413 -25.58 11.15 -18.72
N ILE B 414 -26.14 10.01 -18.33
CA ILE B 414 -27.18 9.33 -19.10
C ILE B 414 -28.33 8.97 -18.17
N PHE B 415 -29.57 9.11 -18.64
CA PHE B 415 -30.69 8.91 -17.72
C PHE B 415 -31.72 7.87 -18.16
N GLU B 416 -32.64 8.23 -19.05
CA GLU B 416 -33.81 7.37 -19.36
C GLU B 416 -34.44 6.79 -18.08
N THR B 417 -35.26 7.58 -17.37
CA THR B 417 -36.04 8.64 -17.99
C THR B 417 -35.69 10.03 -17.49
N LYS B 418 -36.07 11.02 -18.29
CA LYS B 418 -35.78 12.41 -18.02
C LYS B 418 -36.22 12.77 -16.60
N PRO B 419 -35.36 13.36 -15.79
CA PRO B 419 -35.72 13.66 -14.39
C PRO B 419 -36.91 14.60 -14.35
N HIS B 420 -37.61 14.61 -13.21
CA HIS B 420 -38.77 15.49 -13.08
C HIS B 420 -38.26 16.80 -12.51
N ALA B 421 -38.18 17.79 -13.38
CA ALA B 421 -37.62 19.11 -13.15
C ALA B 421 -37.60 19.79 -14.51
N ILE B 422 -37.37 21.10 -14.53
CA ILE B 422 -37.28 21.83 -15.78
C ILE B 422 -36.16 22.85 -15.66
N ALA B 423 -35.44 23.06 -16.76
CA ALA B 423 -34.62 24.27 -16.87
C ALA B 423 -35.39 25.23 -17.77
N THR B 424 -36.24 26.03 -17.11
CA THR B 424 -36.83 27.29 -17.53
C THR B 424 -37.21 27.96 -16.23
N ILE B 425 -37.16 29.29 -16.18
CA ILE B 425 -37.60 29.99 -14.98
C ILE B 425 -39.03 30.47 -15.22
N THR B 426 -39.99 29.85 -14.54
CA THR B 426 -41.38 30.19 -14.71
C THR B 426 -41.69 31.52 -14.04
N GLU B 427 -42.95 31.95 -14.13
CA GLU B 427 -43.31 33.25 -13.58
C GLU B 427 -43.51 33.21 -12.08
N LYS B 428 -43.88 32.05 -11.54
CA LYS B 428 -43.95 31.82 -10.10
C LYS B 428 -43.23 30.51 -9.82
N PRO B 429 -41.91 30.57 -9.61
CA PRO B 429 -41.12 29.34 -9.52
C PRO B 429 -41.56 28.44 -8.37
N LYS B 430 -41.42 27.13 -8.58
CA LYS B 430 -41.77 26.12 -7.60
C LYS B 430 -40.62 25.13 -7.46
N THR B 431 -40.46 24.61 -6.24
CA THR B 431 -39.43 23.64 -5.93
C THR B 431 -40.08 22.45 -5.22
N SER B 432 -39.37 21.32 -5.22
CA SER B 432 -39.84 20.11 -4.56
C SER B 432 -40.19 20.38 -3.10
N GLN B 433 -41.27 19.75 -2.63
CA GLN B 433 -41.66 19.87 -1.24
C GLN B 433 -40.54 19.37 -0.32
N PHE B 434 -39.72 18.44 -0.80
CA PHE B 434 -38.62 17.93 0.00
C PHE B 434 -37.52 18.98 0.16
N ALA B 435 -37.21 19.70 -0.91
CA ALA B 435 -36.22 20.77 -0.83
C ALA B 435 -36.79 22.02 -0.18
N ARG B 436 -38.10 22.27 -0.36
CA ARG B 436 -38.71 23.42 0.32
C ARG B 436 -38.80 23.18 1.82
N TYR B 437 -39.00 21.94 2.24
CA TYR B 437 -38.93 21.60 3.66
C TYR B 437 -37.48 21.65 4.14
N GLN B 438 -36.57 21.05 3.37
CA GLN B 438 -35.16 21.07 3.75
C GLN B 438 -34.64 22.49 3.90
N ALA B 439 -35.22 23.44 3.17
CA ALA B 439 -34.80 24.84 3.32
C ALA B 439 -35.00 25.33 4.74
N LYS B 440 -36.08 24.91 5.40
CA LYS B 440 -36.36 25.40 6.74
C LYS B 440 -35.44 24.75 7.77
N HIS B 441 -35.33 23.43 7.73
CA HIS B 441 -34.61 22.65 8.73
C HIS B 441 -33.18 22.33 8.32
N ALA B 442 -32.69 22.92 7.22
CA ALA B 442 -31.40 22.54 6.66
C ALA B 442 -30.30 22.58 7.72
N HIS B 443 -29.36 21.67 7.60
CA HIS B 443 -28.27 21.57 8.57
C HIS B 443 -27.15 22.47 8.07
N PHE B 444 -26.93 23.58 8.77
CA PHE B 444 -25.82 24.44 8.48
C PHE B 444 -24.52 23.71 8.79
N ASN B 445 -23.50 23.97 7.99
CA ASN B 445 -22.14 23.65 8.43
C ASN B 445 -21.27 24.87 8.16
N ASN B 446 -20.32 25.10 9.06
CA ASN B 446 -19.29 26.10 8.80
C ASN B 446 -18.25 25.47 7.88
N VAL B 447 -17.06 26.07 7.85
CA VAL B 447 -15.87 25.75 7.05
C VAL B 447 -16.14 26.13 5.60
N THR B 448 -17.43 26.14 5.23
CA THR B 448 -18.00 26.92 4.14
C THR B 448 -19.43 27.16 4.57
N ASN B 449 -19.96 28.38 4.40
CA ASN B 449 -21.24 28.67 5.03
C ASN B 449 -22.30 28.29 4.01
N MET B 450 -22.92 27.13 4.24
CA MET B 450 -23.71 26.45 3.22
C MET B 450 -24.73 25.54 3.88
N PHE B 451 -25.88 25.42 3.23
CA PHE B 451 -26.92 24.47 3.61
C PHE B 451 -27.01 23.40 2.53
N SER B 452 -27.11 22.15 2.92
CA SER B 452 -27.18 21.06 1.95
C SER B 452 -28.64 20.81 1.59
N ILE B 453 -28.96 21.03 0.32
CA ILE B 453 -30.34 20.87 -0.17
C ILE B 453 -30.35 19.80 -1.26
N THR B 454 -31.38 18.96 -1.25
CA THR B 454 -31.47 17.86 -2.20
C THR B 454 -32.24 18.29 -3.44
N ASN B 455 -31.62 18.11 -4.61
CA ASN B 455 -32.27 18.38 -5.89
C ASN B 455 -33.05 17.14 -6.33
N ARG B 456 -33.69 17.26 -7.49
CA ARG B 456 -34.50 16.18 -8.05
C ARG B 456 -33.67 14.96 -8.45
N LEU B 457 -32.34 15.05 -8.43
CA LEU B 457 -31.46 13.93 -8.74
C LEU B 457 -30.99 13.20 -7.49
N ASN B 458 -31.49 13.57 -6.31
CA ASN B 458 -31.03 13.04 -5.03
C ASN B 458 -29.59 13.43 -4.74
N ASP B 459 -29.17 14.60 -5.26
CA ASP B 459 -27.84 15.15 -5.07
C ASP B 459 -27.90 16.31 -4.09
N MET B 460 -26.83 16.47 -3.30
CA MET B 460 -26.78 17.49 -2.26
C MET B 460 -26.03 18.71 -2.76
N ILE B 461 -26.65 19.89 -2.59
CA ILE B 461 -26.21 21.14 -3.18
C ILE B 461 -25.90 22.12 -2.06
N GLY B 462 -24.73 22.76 -2.16
CA GLY B 462 -24.40 23.85 -1.25
C GLY B 462 -25.23 25.10 -1.54
N ILE B 463 -25.91 25.60 -0.54
CA ILE B 463 -26.82 26.74 -0.67
C ILE B 463 -26.35 27.86 0.25
N PRO B 464 -25.98 29.03 -0.27
CA PRO B 464 -25.76 30.19 0.59
C PRO B 464 -27.04 30.61 1.29
N ILE B 465 -26.88 31.28 2.44
CA ILE B 465 -28.02 31.62 3.29
C ILE B 465 -29.03 32.47 2.53
N HIS B 466 -28.54 33.50 1.84
CA HIS B 466 -29.41 34.38 1.07
C HIS B 466 -30.17 33.62 0.00
N GLU B 467 -29.67 32.47 -0.42
CA GLU B 467 -30.45 31.55 -1.25
C GLU B 467 -31.39 30.70 -0.41
N LYS B 468 -31.00 30.35 0.82
CA LYS B 468 -31.91 29.62 1.70
C LYS B 468 -33.21 30.38 1.92
N TYR B 469 -33.15 31.72 1.95
CA TYR B 469 -34.41 32.47 2.05
C TYR B 469 -35.20 32.44 0.75
N ILE B 470 -34.53 32.28 -0.40
CA ILE B 470 -35.23 32.26 -1.68
C ILE B 470 -35.92 30.92 -1.90
N LEU B 471 -35.28 29.83 -1.46
CA LEU B 471 -35.79 28.48 -1.68
C LEU B 471 -37.20 28.30 -1.11
N GLU B 472 -37.37 28.48 0.20
CA GLU B 472 -38.66 28.29 0.84
C GLU B 472 -39.70 29.29 0.37
N MET B 473 -39.28 30.28 -0.42
CA MET B 473 -40.18 31.27 -0.99
C MET B 473 -40.80 30.80 -2.30
N LEU B 474 -40.32 29.72 -2.90
CA LEU B 474 -40.90 29.25 -4.16
C LEU B 474 -41.80 28.07 -3.84
N ASP B 475 -43.10 28.33 -3.73
CA ASP B 475 -44.15 27.33 -3.83
C ASP B 475 -44.94 27.42 -5.13
N GLY B 476 -44.68 28.43 -5.96
CA GLY B 476 -45.56 28.78 -7.05
C GLY B 476 -46.59 29.82 -6.71
N THR B 477 -46.72 30.20 -5.42
CA THR B 477 -47.63 31.28 -5.06
C THR B 477 -47.02 32.65 -5.32
N HIS B 478 -45.74 32.81 -5.03
CA HIS B 478 -45.07 34.10 -5.10
C HIS B 478 -44.45 34.30 -6.47
N ASN B 479 -44.72 35.45 -7.07
CA ASN B 479 -44.02 35.87 -8.28
C ASN B 479 -42.58 36.28 -7.92
N ILE B 480 -41.82 36.70 -8.93
CA ILE B 480 -40.44 37.11 -8.70
C ILE B 480 -40.37 38.47 -8.00
N ASP B 481 -41.45 39.26 -8.07
CA ASP B 481 -41.45 40.56 -7.39
C ASP B 481 -41.57 40.41 -5.88
N ASP B 482 -42.43 39.49 -5.41
CA ASP B 482 -42.50 39.23 -3.97
C ASP B 482 -41.17 38.70 -3.43
N ILE B 483 -40.40 38.02 -4.29
CA ILE B 483 -39.08 37.53 -3.88
C ILE B 483 -38.09 38.67 -3.80
N LYS B 484 -37.84 39.34 -4.92
CA LYS B 484 -36.91 40.48 -4.94
C LYS B 484 -37.31 41.56 -3.94
N LYS B 485 -38.56 41.58 -3.51
CA LYS B 485 -39.01 42.44 -2.41
C LYS B 485 -38.59 41.85 -1.07
N SER B 486 -39.05 40.64 -0.77
CA SER B 486 -38.80 40.03 0.54
C SER B 486 -37.31 40.03 0.88
N ILE B 487 -36.46 39.73 -0.11
CA ILE B 487 -35.02 39.71 0.17
C ILE B 487 -34.54 41.08 0.62
N ILE B 488 -34.99 42.14 -0.06
CA ILE B 488 -34.72 43.52 0.39
C ILE B 488 -35.14 43.67 1.85
N GLU B 489 -36.38 43.26 2.16
CA GLU B 489 -36.85 43.36 3.53
C GLU B 489 -35.87 42.72 4.50
N LYS B 490 -35.36 41.52 4.16
CA LYS B 490 -34.40 40.87 5.02
C LYS B 490 -33.05 41.58 5.03
N ILE B 491 -32.77 42.44 4.05
CA ILE B 491 -31.56 43.25 4.08
C ILE B 491 -31.71 44.36 5.11
N ASN B 492 -32.70 45.25 4.92
CA ASN B 492 -32.85 46.39 5.81
C ASN B 492 -33.18 45.94 7.23
N SER B 493 -33.85 44.80 7.37
CA SER B 493 -34.30 44.24 8.64
C SER B 493 -33.29 43.28 9.25
N LYS B 494 -32.04 43.30 8.79
CA LYS B 494 -31.11 42.16 8.83
C LYS B 494 -31.05 41.39 10.15
N LEU B 495 -30.98 40.05 10.14
CA LEU B 495 -30.96 39.12 8.98
C LEU B 495 -29.81 39.34 7.97
N LEU B 496 -30.17 39.59 6.72
CA LEU B 496 -29.20 39.60 5.63
C LEU B 496 -28.48 40.94 5.52
N THR B 497 -27.15 40.88 5.38
CA THR B 497 -26.33 42.06 5.20
C THR B 497 -25.78 42.05 3.78
N ALA B 498 -26.08 43.09 3.02
CA ALA B 498 -25.57 43.30 1.68
C ALA B 498 -24.38 44.24 1.71
N CYS B 499 -23.42 43.99 0.82
CA CYS B 499 -22.16 44.72 0.79
C CYS B 499 -21.82 45.12 -0.64
N ASP B 500 -21.52 46.40 -0.82
CA ASP B 500 -20.88 46.92 -2.03
C ASP B 500 -19.40 46.53 -1.97
N ASN B 501 -18.61 47.00 -2.92
CA ASN B 501 -17.18 46.72 -2.94
C ASN B 501 -16.41 47.54 -1.90
N LYS B 502 -16.94 48.69 -1.50
CA LYS B 502 -16.18 49.69 -0.75
C LYS B 502 -15.69 49.25 0.64
N GLY B 503 -15.88 47.99 1.03
CA GLY B 503 -15.71 47.69 2.44
C GLY B 503 -17.06 47.50 3.07
N GLN B 504 -17.25 47.82 4.35
CA GLN B 504 -18.61 47.66 4.86
C GLN B 504 -19.43 48.81 4.30
N VAL B 505 -20.30 48.54 3.33
CA VAL B 505 -21.15 49.57 2.77
C VAL B 505 -22.62 49.48 3.15
N VAL B 506 -23.14 48.29 3.53
CA VAL B 506 -24.53 48.06 3.95
C VAL B 506 -25.59 48.33 2.86
N THR B 507 -25.18 49.01 1.77
CA THR B 507 -25.98 49.11 0.54
C THR B 507 -27.38 49.71 0.75
N ASP B 508 -27.49 51.03 0.90
CA ASP B 508 -28.73 51.75 1.13
C ASP B 508 -29.42 52.11 -0.20
N PRO B 509 -30.46 53.00 -0.19
CA PRO B 509 -31.69 52.70 -0.97
C PRO B 509 -31.61 52.80 -2.50
N LYS B 510 -32.47 52.02 -3.17
CA LYS B 510 -32.72 52.03 -4.61
C LYS B 510 -31.50 51.56 -5.39
N LEU B 511 -30.33 51.68 -4.77
CA LEU B 511 -29.15 50.94 -5.18
C LEU B 511 -29.15 49.54 -4.60
N LEU B 512 -29.91 49.35 -3.52
CA LEU B 512 -30.25 48.02 -3.03
C LEU B 512 -31.13 47.31 -4.04
N LYS B 513 -32.16 48.02 -4.54
CA LYS B 513 -33.19 47.45 -5.39
C LYS B 513 -32.62 46.89 -6.68
N GLU B 514 -31.50 47.42 -7.16
CA GLU B 514 -30.83 46.83 -8.30
C GLU B 514 -29.75 45.82 -7.91
N PHE B 515 -29.38 45.75 -6.63
CA PHE B 515 -28.50 44.69 -6.14
C PHE B 515 -29.28 43.39 -6.00
N VAL B 516 -30.52 43.50 -5.51
CA VAL B 516 -31.35 42.33 -5.28
C VAL B 516 -31.84 41.72 -6.59
N ASP B 517 -32.13 42.58 -7.59
CA ASP B 517 -32.45 42.09 -8.92
C ASP B 517 -31.37 41.15 -9.42
N TYR B 518 -30.11 41.54 -9.23
CA TYR B 518 -28.99 40.71 -9.66
C TYR B 518 -28.87 39.43 -8.83
N VAL B 519 -28.78 39.55 -7.49
CA VAL B 519 -28.52 38.33 -6.70
C VAL B 519 -29.66 37.32 -6.84
N VAL B 520 -30.91 37.80 -6.94
CA VAL B 520 -32.03 36.87 -7.12
C VAL B 520 -32.02 36.29 -8.54
N ALA B 521 -31.73 37.13 -9.55
CA ALA B 521 -31.64 36.65 -10.93
C ALA B 521 -30.57 35.57 -11.10
N VAL B 522 -29.47 35.66 -10.36
CA VAL B 522 -28.43 34.64 -10.41
C VAL B 522 -28.85 33.41 -9.64
N SER B 523 -29.36 33.59 -8.41
CA SER B 523 -29.77 32.45 -7.60
C SER B 523 -30.79 31.58 -8.32
N LEU B 524 -31.77 32.21 -8.97
CA LEU B 524 -32.76 31.43 -9.73
C LEU B 524 -32.11 30.67 -10.87
N GLU B 525 -31.05 31.22 -11.46
CA GLU B 525 -30.32 30.51 -12.51
C GLU B 525 -29.62 29.29 -11.95
N LYS B 526 -28.94 29.44 -10.81
CA LYS B 526 -28.35 28.30 -10.14
C LYS B 526 -29.40 27.22 -9.86
N PHE B 527 -30.59 27.64 -9.41
CA PHE B 527 -31.65 26.67 -9.19
C PHE B 527 -32.13 26.06 -10.50
N ARG B 528 -31.96 26.77 -11.62
CA ARG B 528 -32.40 26.24 -12.91
C ARG B 528 -31.48 25.13 -13.38
N ILE B 529 -30.15 25.35 -13.32
CA ILE B 529 -29.22 24.37 -13.87
C ILE B 529 -28.73 23.36 -12.84
N ASN B 530 -29.19 23.44 -11.58
CA ASN B 530 -28.88 22.42 -10.59
C ASN B 530 -30.01 21.42 -10.37
N TYR B 531 -31.07 21.46 -11.19
CA TYR B 531 -32.24 20.58 -11.07
C TYR B 531 -33.06 20.90 -9.82
N LEU B 532 -33.10 22.15 -9.41
CA LEU B 532 -33.90 22.58 -8.27
C LEU B 532 -35.25 23.17 -8.67
N LEU B 533 -35.55 23.26 -9.97
CA LEU B 533 -36.77 23.92 -10.43
C LEU B 533 -37.75 22.87 -10.94
N VAL B 534 -38.86 22.72 -10.22
CA VAL B 534 -39.92 21.78 -10.59
C VAL B 534 -40.94 22.41 -11.53
N GLY B 535 -40.95 23.72 -11.66
CA GLY B 535 -41.84 24.41 -12.58
C GLY B 535 -42.74 25.42 -11.91
#